data_1QFS
#
_entry.id   1QFS
#
_cell.length_a   70.900
_cell.length_b   99.800
_cell.length_c   110.900
_cell.angle_alpha   90.00
_cell.angle_beta   90.00
_cell.angle_gamma   90.00
#
_symmetry.space_group_name_H-M   'P 21 21 21'
#
loop_
_entity.id
_entity.type
_entity.pdbx_description
1 polymer 'PROTEIN (PROLYL OLIGOPEPTIDASE)'
2 non-polymer N-BENZYLOXYCARBONYL-L-PROLYL-L-PROLINAL
3 water water
#
_entity_poly.entity_id   1
_entity_poly.type   'polypeptide(L)'
_entity_poly.pdbx_seq_one_letter_code
;MLSFQYPDVYRDETAIQDYHGHKVCDPYAWLEDPDSEQTKAFVEAQNKITVPFLEQCPIRGLYKERMTELYDYPKYSCHF
KKGKRYFYFYNTGLQNQRVLYVQDSLEGEARVFLDPNILSDDGTVALRGYAFSEDGEYFAYGLSASGSDWVTIKFMKVDG
AKELPDVLERVKFSCMAWTHDGKGMFYNAYPQQDGKSDGTETSTNLHQKLYYHVLGTDQSEDILCAEFPDEPKWMGGAEL
SDDGRYVLLSIREGCDPVNRLWYCDLQQESNGITGILKWVKLIDNFEGEYDYVTNEGTVFTFKTNRHSPNYRLINIDFTD
PEESKWKVLVPEHEKDVLEWVACVRSNFLVLCYLHDVKNTLQLHDLATGALLKIFPLEVGSVVGYSGQKKDTEIFYQFTS
FLSPGIIYHCDLTKEELEPRVFREVTVKGIDASDYQTVQIFYPSKDGTKIPMFIVHKKGIKLDGSHPAFLYGYGGFNISI
TPNYSVSRLIFVRHMGGVLAVANIRGGGEYGETWHKGGILANKQNCFDDFQCAAEYLIKEGYTSPKRLTINGGSNGGLLV
ATCANQRPDLFGCVIAQVGVMDMLKFHKYTIGHAWTTDYGCSDSKQHFEWLIKYSPLHNVKLPEADDIQYPSMLLLTADH
DDRVVPLHSLKFIATLQYIVGRSRKQNNPLLIHVDTKAGHGAGKPTAKVIEEVSDMFAFIARCLNIDWIP
;
_entity_poly.pdbx_strand_id   A
#
loop_
_chem_comp.id
_chem_comp.type
_chem_comp.name
_chem_comp.formula
ZPR peptide-like N-BENZYLOXYCARBONYL-L-PROLYL-L-PROLINAL 'C18 H22 N2 O4'
#
# COMPACT_ATOMS: atom_id res chain seq x y z
N MET A 1 -6.02 -35.64 3.10
CA MET A 1 -6.04 -34.15 3.03
C MET A 1 -7.41 -33.57 2.74
N LEU A 2 -7.90 -33.79 1.52
CA LEU A 2 -9.21 -33.30 1.10
C LEU A 2 -10.33 -34.18 1.63
N SER A 3 -10.71 -33.96 2.89
CA SER A 3 -11.79 -34.72 3.52
C SER A 3 -13.07 -33.89 3.49
N PHE A 4 -13.29 -33.24 2.36
CA PHE A 4 -14.48 -32.41 2.17
C PHE A 4 -14.83 -32.44 0.70
N GLN A 5 -15.91 -31.73 0.35
CA GLN A 5 -16.35 -31.64 -1.02
C GLN A 5 -16.60 -30.17 -1.27
N TYR A 6 -16.11 -29.68 -2.40
CA TYR A 6 -16.32 -28.27 -2.74
C TYR A 6 -17.82 -28.03 -2.93
N PRO A 7 -18.27 -26.80 -2.57
CA PRO A 7 -19.67 -26.39 -2.68
C PRO A 7 -20.20 -26.46 -4.11
N ASP A 8 -21.48 -26.81 -4.27
CA ASP A 8 -22.06 -26.84 -5.60
C ASP A 8 -22.33 -25.38 -5.99
N VAL A 9 -21.67 -24.93 -7.05
CA VAL A 9 -21.79 -23.57 -7.54
C VAL A 9 -22.41 -23.56 -8.93
N TYR A 10 -23.51 -22.83 -9.07
CA TYR A 10 -24.22 -22.73 -10.34
C TYR A 10 -23.38 -22.01 -11.41
N ARG A 11 -23.38 -22.56 -12.61
CA ARG A 11 -22.68 -21.97 -13.74
C ARG A 11 -23.70 -21.40 -14.72
N ASP A 12 -23.62 -20.10 -14.97
CA ASP A 12 -24.52 -19.47 -15.92
C ASP A 12 -23.83 -19.57 -17.28
N GLU A 13 -24.11 -20.64 -17.99
CA GLU A 13 -23.51 -20.89 -19.29
C GLU A 13 -23.99 -19.91 -20.37
N THR A 14 -24.99 -19.08 -20.05
CA THR A 14 -25.49 -18.09 -21.00
C THR A 14 -24.71 -16.79 -20.88
N ALA A 15 -23.95 -16.62 -19.80
CA ALA A 15 -23.17 -15.42 -19.59
C ALA A 15 -21.92 -15.44 -20.44
N ILE A 16 -22.07 -14.82 -21.59
CA ILE A 16 -21.07 -14.76 -22.60
C ILE A 16 -21.03 -13.34 -23.10
N GLN A 17 -19.81 -12.77 -23.14
CA GLN A 17 -19.69 -11.37 -23.57
C GLN A 17 -18.71 -11.32 -24.73
N ASP A 18 -18.91 -10.34 -25.60
CA ASP A 18 -18.06 -10.19 -26.75
C ASP A 18 -17.03 -9.09 -26.52
N TYR A 19 -15.77 -9.45 -26.72
CA TYR A 19 -14.66 -8.51 -26.56
C TYR A 19 -13.94 -8.41 -27.90
N HIS A 20 -14.40 -7.48 -28.74
CA HIS A 20 -13.79 -7.26 -30.06
C HIS A 20 -13.65 -8.55 -30.85
N GLY A 21 -14.74 -9.32 -30.92
CA GLY A 21 -14.72 -10.58 -31.66
C GLY A 21 -14.33 -11.78 -30.82
N HIS A 22 -13.73 -11.53 -29.66
CA HIS A 22 -13.32 -12.61 -28.76
C HIS A 22 -14.48 -12.84 -27.80
N LYS A 23 -15.08 -14.02 -27.86
CA LYS A 23 -16.20 -14.32 -26.96
C LYS A 23 -15.67 -14.99 -25.72
N VAL A 24 -16.05 -14.46 -24.56
CA VAL A 24 -15.62 -15.05 -23.30
C VAL A 24 -16.84 -15.32 -22.42
N CYS A 25 -16.87 -16.51 -21.85
CA CYS A 25 -17.95 -16.91 -20.97
C CYS A 25 -17.56 -16.49 -19.56
N ASP A 26 -18.54 -16.09 -18.76
CA ASP A 26 -18.31 -15.67 -17.39
C ASP A 26 -19.44 -16.31 -16.56
N PRO A 27 -19.42 -17.64 -16.43
CA PRO A 27 -20.42 -18.41 -15.70
C PRO A 27 -20.68 -18.00 -14.26
N TYR A 28 -19.70 -17.39 -13.61
CA TYR A 28 -19.88 -16.97 -12.22
C TYR A 28 -20.07 -15.47 -12.09
N ALA A 29 -20.52 -14.83 -13.16
CA ALA A 29 -20.76 -13.39 -13.15
C ALA A 29 -21.75 -12.97 -12.06
N TRP A 30 -22.59 -13.90 -11.62
CA TRP A 30 -23.56 -13.59 -10.58
C TRP A 30 -22.91 -13.30 -9.23
N LEU A 31 -21.67 -13.74 -9.06
CA LEU A 31 -20.93 -13.51 -7.81
C LEU A 31 -20.52 -12.04 -7.66
N GLU A 32 -20.71 -11.27 -8.72
CA GLU A 32 -20.38 -9.85 -8.73
C GLU A 32 -21.31 -9.06 -7.80
N ASP A 33 -22.46 -9.65 -7.49
CA ASP A 33 -23.43 -9.01 -6.61
C ASP A 33 -23.24 -9.54 -5.19
N PRO A 34 -22.67 -8.71 -4.31
CA PRO A 34 -22.40 -9.04 -2.91
C PRO A 34 -23.63 -9.17 -2.02
N ASP A 35 -24.73 -8.55 -2.43
CA ASP A 35 -25.95 -8.56 -1.62
C ASP A 35 -26.94 -9.69 -1.89
N SER A 36 -26.70 -10.49 -2.92
CA SER A 36 -27.65 -11.55 -3.22
C SER A 36 -27.57 -12.71 -2.25
N GLU A 37 -28.68 -13.45 -2.14
CA GLU A 37 -28.72 -14.61 -1.27
C GLU A 37 -27.79 -15.69 -1.81
N GLN A 38 -27.65 -15.74 -3.13
CA GLN A 38 -26.81 -16.73 -3.79
C GLN A 38 -25.32 -16.52 -3.47
N THR A 39 -24.85 -15.28 -3.53
CA THR A 39 -23.46 -14.98 -3.24
C THR A 39 -23.19 -15.16 -1.75
N LYS A 40 -24.16 -14.78 -0.92
CA LYS A 40 -23.99 -14.93 0.51
C LYS A 40 -23.87 -16.41 0.88
N ALA A 41 -24.63 -17.26 0.18
CA ALA A 41 -24.59 -18.70 0.43
C ALA A 41 -23.28 -19.29 -0.06
N PHE A 42 -22.77 -18.75 -1.17
CA PHE A 42 -21.51 -19.19 -1.74
C PHE A 42 -20.39 -18.90 -0.74
N VAL A 43 -20.37 -17.69 -0.21
CA VAL A 43 -19.35 -17.30 0.76
C VAL A 43 -19.42 -18.17 2.00
N GLU A 44 -20.63 -18.39 2.49
CA GLU A 44 -20.84 -19.19 3.69
C GLU A 44 -20.35 -20.62 3.49
N ALA A 45 -20.70 -21.22 2.36
CA ALA A 45 -20.29 -22.57 2.06
C ALA A 45 -18.77 -22.72 1.86
N GLN A 46 -18.13 -21.69 1.31
CA GLN A 46 -16.68 -21.75 1.10
C GLN A 46 -15.95 -21.72 2.44
N ASN A 47 -16.31 -20.76 3.28
CA ASN A 47 -15.70 -20.63 4.59
C ASN A 47 -15.94 -21.87 5.45
N LYS A 48 -17.09 -22.52 5.24
CA LYS A 48 -17.46 -23.71 6.01
C LYS A 48 -16.46 -24.84 5.81
N ILE A 49 -15.85 -24.92 4.63
CA ILE A 49 -14.87 -25.97 4.39
C ILE A 49 -13.47 -25.45 4.64
N THR A 50 -13.25 -24.15 4.49
CA THR A 50 -11.94 -23.56 4.70
C THR A 50 -11.51 -23.53 6.17
N VAL A 51 -12.36 -22.97 7.03
CA VAL A 51 -12.06 -22.84 8.46
C VAL A 51 -11.63 -24.11 9.20
N PRO A 52 -12.40 -25.20 9.11
CA PRO A 52 -12.01 -26.43 9.80
C PRO A 52 -10.67 -26.97 9.30
N PHE A 53 -10.38 -26.75 8.02
CA PHE A 53 -9.14 -27.20 7.42
C PHE A 53 -7.96 -26.45 8.04
N LEU A 54 -8.13 -25.15 8.23
CA LEU A 54 -7.07 -24.30 8.79
C LEU A 54 -6.83 -24.55 10.28
N GLU A 55 -7.92 -24.82 11.01
CA GLU A 55 -7.83 -25.05 12.44
C GLU A 55 -7.55 -26.48 12.87
N GLN A 56 -7.50 -27.42 11.92
CA GLN A 56 -7.24 -28.82 12.26
C GLN A 56 -5.83 -29.10 12.78
N CYS A 57 -4.82 -28.65 12.06
CA CYS A 57 -3.45 -28.87 12.52
C CYS A 57 -3.10 -27.98 13.70
N PRO A 58 -2.75 -28.59 14.84
CA PRO A 58 -2.38 -27.88 16.08
C PRO A 58 -1.33 -26.79 15.86
N ILE A 59 -0.59 -26.88 14.76
CA ILE A 59 0.43 -25.89 14.43
C ILE A 59 -0.14 -24.47 14.41
N ARG A 60 -1.40 -24.33 14.00
CA ARG A 60 -2.01 -23.01 13.97
C ARG A 60 -2.04 -22.40 15.36
N GLY A 61 -2.32 -23.23 16.37
CA GLY A 61 -2.37 -22.78 17.74
C GLY A 61 -1.00 -22.39 18.24
N LEU A 62 0.01 -23.15 17.82
CA LEU A 62 1.40 -22.90 18.20
C LEU A 62 1.89 -21.60 17.58
N TYR A 63 1.57 -21.42 16.30
CA TYR A 63 1.97 -20.21 15.59
C TYR A 63 1.25 -19.00 16.17
N LYS A 64 -0.06 -19.10 16.37
CA LYS A 64 -0.84 -17.99 16.93
C LYS A 64 -0.30 -17.52 18.28
N GLU A 65 -0.03 -18.47 19.17
CA GLU A 65 0.50 -18.15 20.48
C GLU A 65 1.88 -17.50 20.36
N ARG A 66 2.73 -18.07 19.52
CA ARG A 66 4.09 -17.56 19.33
C ARG A 66 4.05 -16.15 18.72
N MET A 67 3.11 -15.91 17.83
CA MET A 67 2.95 -14.61 17.18
C MET A 67 2.46 -13.59 18.23
N THR A 68 1.52 -14.01 19.07
CA THR A 68 0.98 -13.14 20.10
C THR A 68 2.10 -12.71 21.06
N GLU A 69 3.03 -13.62 21.33
CA GLU A 69 4.15 -13.31 22.20
C GLU A 69 5.18 -12.38 21.55
N LEU A 70 5.65 -12.76 20.38
CA LEU A 70 6.66 -11.97 19.66
C LEU A 70 6.16 -10.62 19.15
N TYR A 71 4.89 -10.56 18.75
CA TYR A 71 4.32 -9.32 18.26
C TYR A 71 4.06 -8.33 19.39
N ASP A 72 4.07 -8.83 20.62
CA ASP A 72 3.83 -7.98 21.79
C ASP A 72 5.09 -7.21 22.17
N TYR A 73 5.31 -6.10 21.48
CA TYR A 73 6.44 -5.23 21.77
C TYR A 73 6.02 -3.80 21.46
N PRO A 74 6.63 -2.82 22.14
CA PRO A 74 6.36 -1.40 21.98
C PRO A 74 6.59 -0.91 20.55
N LYS A 75 5.54 -0.35 19.96
CA LYS A 75 5.60 0.16 18.59
C LYS A 75 5.29 1.66 18.60
N TYR A 76 6.31 2.47 18.37
CA TYR A 76 6.18 3.93 18.35
C TYR A 76 6.35 4.49 16.95
N SER A 77 5.82 5.67 16.72
CA SER A 77 5.97 6.36 15.44
C SER A 77 6.94 7.49 15.79
N CYS A 78 7.29 8.32 14.81
CA CYS A 78 8.17 9.44 15.10
C CYS A 78 7.38 10.50 15.85
N HIS A 79 8.07 11.25 16.69
CA HIS A 79 7.46 12.34 17.42
C HIS A 79 7.32 13.41 16.34
N PHE A 80 6.26 14.23 16.39
CA PHE A 80 6.12 15.33 15.43
C PHE A 80 5.50 16.51 16.16
N LYS A 81 6.04 17.70 15.90
CA LYS A 81 5.55 18.89 16.56
C LYS A 81 4.50 19.64 15.73
N LYS A 82 3.46 20.10 16.41
CA LYS A 82 2.38 20.87 15.82
C LYS A 82 2.04 21.96 16.82
N GLY A 83 2.29 23.20 16.45
CA GLY A 83 2.03 24.29 17.38
C GLY A 83 3.08 24.16 18.48
N LYS A 84 2.65 24.32 19.72
CA LYS A 84 3.57 24.23 20.85
C LYS A 84 3.65 22.83 21.47
N ARG A 85 2.95 21.86 20.88
CA ARG A 85 2.96 20.50 21.43
C ARG A 85 3.55 19.43 20.50
N TYR A 86 3.95 18.32 21.10
CA TYR A 86 4.50 17.20 20.35
C TYR A 86 3.46 16.08 20.31
N PHE A 87 3.50 15.30 19.25
CA PHE A 87 2.56 14.19 19.07
C PHE A 87 3.32 12.97 18.57
N TYR A 88 2.79 11.78 18.85
CA TYR A 88 3.39 10.53 18.39
C TYR A 88 2.37 9.42 18.57
N PHE A 89 2.44 8.41 17.71
CA PHE A 89 1.52 7.27 17.81
C PHE A 89 2.27 6.21 18.60
N TYR A 90 1.54 5.43 19.39
CA TYR A 90 2.15 4.39 20.21
C TYR A 90 1.18 3.25 20.50
N ASN A 91 1.69 2.03 20.38
CA ASN A 91 0.93 0.82 20.66
C ASN A 91 1.76 0.10 21.72
N THR A 92 1.17 -0.11 22.89
CA THR A 92 1.88 -0.79 23.98
C THR A 92 2.36 -2.18 23.57
N GLY A 93 1.70 -2.77 22.57
CA GLY A 93 2.09 -4.08 22.11
C GLY A 93 1.03 -4.81 21.32
N LEU A 94 -0.08 -5.11 21.98
CA LEU A 94 -1.16 -5.84 21.35
C LEU A 94 -2.49 -5.08 21.26
N GLN A 95 -2.46 -3.76 21.38
CA GLN A 95 -3.69 -2.98 21.25
C GLN A 95 -4.10 -3.12 19.79
N ASN A 96 -5.40 -3.14 19.53
CA ASN A 96 -5.90 -3.30 18.16
C ASN A 96 -5.51 -2.16 17.25
N GLN A 97 -5.49 -0.95 17.80
CA GLN A 97 -5.15 0.24 17.05
C GLN A 97 -4.15 1.03 17.86
N ARG A 98 -3.16 1.63 17.19
CA ARG A 98 -2.20 2.44 17.92
C ARG A 98 -2.93 3.71 18.36
N VAL A 99 -2.43 4.31 19.44
CA VAL A 99 -3.05 5.50 20.03
C VAL A 99 -2.21 6.78 19.79
N LEU A 100 -2.90 7.91 19.65
CA LEU A 100 -2.21 9.18 19.43
C LEU A 100 -2.05 9.87 20.76
N TYR A 101 -0.80 10.15 21.12
CA TYR A 101 -0.49 10.82 22.37
C TYR A 101 -0.07 12.27 22.11
N VAL A 102 -0.09 13.07 23.16
CA VAL A 102 0.31 14.48 23.09
C VAL A 102 1.10 14.82 24.36
N GLN A 103 2.05 15.75 24.24
CA GLN A 103 2.85 16.22 25.35
C GLN A 103 3.27 17.64 25.01
N ASP A 104 3.09 18.56 25.96
CA ASP A 104 3.42 19.97 25.77
C ASP A 104 4.92 20.24 25.70
N SER A 105 5.70 19.26 26.09
CA SER A 105 7.14 19.38 26.09
C SER A 105 7.76 18.05 25.71
N LEU A 106 8.93 18.09 25.10
CA LEU A 106 9.63 16.89 24.68
C LEU A 106 9.99 16.05 25.92
N GLU A 107 10.27 16.74 27.02
CA GLU A 107 10.63 16.09 28.28
C GLU A 107 9.40 15.95 29.17
N GLY A 108 8.30 16.58 28.76
CA GLY A 108 7.09 16.53 29.54
C GLY A 108 6.37 15.18 29.48
N GLU A 109 5.42 15.00 30.39
CA GLU A 109 4.64 13.77 30.45
C GLU A 109 3.58 13.74 29.36
N ALA A 110 3.51 12.64 28.64
CA ALA A 110 2.54 12.49 27.57
C ALA A 110 1.20 12.00 28.11
N ARG A 111 0.15 12.27 27.34
CA ARG A 111 -1.20 11.86 27.70
C ARG A 111 -1.94 11.44 26.42
N VAL A 112 -2.89 10.52 26.56
CA VAL A 112 -3.66 10.06 25.43
C VAL A 112 -4.41 11.23 24.78
N PHE A 113 -4.25 11.40 23.48
CA PHE A 113 -4.95 12.47 22.77
C PHE A 113 -6.19 11.88 22.09
N LEU A 114 -6.00 10.80 21.34
CA LEU A 114 -7.10 10.13 20.66
C LEU A 114 -6.83 8.63 20.63
N ASP A 115 -7.77 7.88 21.20
CA ASP A 115 -7.69 6.43 21.28
C ASP A 115 -8.79 5.77 20.46
N PRO A 116 -8.44 5.26 19.28
CA PRO A 116 -9.40 4.60 18.39
C PRO A 116 -9.94 3.31 18.99
N ASN A 117 -9.22 2.73 19.94
CA ASN A 117 -9.65 1.46 20.56
C ASN A 117 -10.99 1.51 21.28
N ILE A 118 -11.38 2.66 21.82
CA ILE A 118 -12.65 2.76 22.52
C ILE A 118 -13.85 3.02 21.61
N LEU A 119 -13.57 3.16 20.31
CA LEU A 119 -14.62 3.44 19.33
C LEU A 119 -15.32 2.15 18.85
N SER A 120 -14.76 0.98 19.16
CA SER A 120 -15.38 -0.30 18.79
C SER A 120 -14.81 -1.42 19.64
N ASP A 121 -15.63 -2.43 19.91
CA ASP A 121 -15.22 -3.57 20.73
C ASP A 121 -14.13 -4.41 20.08
N ASP A 122 -14.18 -4.51 18.76
CA ASP A 122 -13.22 -5.33 18.03
C ASP A 122 -12.14 -4.55 17.30
N GLY A 123 -12.08 -3.24 17.55
CA GLY A 123 -11.08 -2.41 16.93
C GLY A 123 -11.16 -2.31 15.41
N THR A 124 -12.38 -2.30 14.86
CA THR A 124 -12.54 -2.21 13.42
C THR A 124 -12.86 -0.79 12.95
N VAL A 125 -12.62 0.18 13.82
CA VAL A 125 -12.80 1.58 13.46
C VAL A 125 -11.39 2.13 13.61
N ALA A 126 -10.84 2.64 12.51
CA ALA A 126 -9.47 3.13 12.49
C ALA A 126 -9.30 4.51 11.90
N LEU A 127 -8.23 5.17 12.32
CA LEU A 127 -7.89 6.50 11.85
C LEU A 127 -7.38 6.31 10.43
N ARG A 128 -7.89 7.12 9.51
CA ARG A 128 -7.44 7.07 8.11
C ARG A 128 -7.29 8.51 7.66
N GLY A 129 -6.09 9.05 7.84
CA GLY A 129 -5.81 10.42 7.46
C GLY A 129 -6.11 11.40 8.58
N TYR A 130 -5.35 12.50 8.61
CA TYR A 130 -5.54 13.55 9.61
C TYR A 130 -4.73 14.77 9.21
N ALA A 131 -5.02 15.90 9.84
CA ALA A 131 -4.31 17.13 9.57
C ALA A 131 -4.62 18.17 10.63
N PHE A 132 -3.56 18.69 11.23
CA PHE A 132 -3.71 19.72 12.25
C PHE A 132 -3.74 21.06 11.53
N SER A 133 -4.33 22.07 12.17
CA SER A 133 -4.37 23.40 11.62
C SER A 133 -2.91 23.89 11.68
N GLU A 134 -2.63 24.99 10.97
CA GLU A 134 -1.28 25.53 10.91
C GLU A 134 -0.72 25.86 12.31
N ASP A 135 -1.58 26.45 13.16
CA ASP A 135 -1.13 26.80 14.51
C ASP A 135 -1.16 25.62 15.46
N GLY A 136 -1.58 24.47 14.96
CA GLY A 136 -1.65 23.25 15.75
C GLY A 136 -2.68 23.23 16.87
N GLU A 137 -3.65 24.15 16.84
CA GLU A 137 -4.66 24.21 17.89
C GLU A 137 -5.96 23.47 17.57
N TYR A 138 -6.13 23.06 16.32
CA TYR A 138 -7.30 22.31 15.89
C TYR A 138 -6.83 21.10 15.09
N PHE A 139 -7.59 20.01 15.18
CA PHE A 139 -7.23 18.74 14.57
C PHE A 139 -8.40 18.12 13.82
N ALA A 140 -8.14 17.64 12.61
CA ALA A 140 -9.16 16.98 11.82
C ALA A 140 -8.64 15.57 11.62
N TYR A 141 -9.51 14.57 11.73
CA TYR A 141 -9.09 13.19 11.55
C TYR A 141 -10.17 12.39 10.86
N GLY A 142 -9.74 11.41 10.08
CA GLY A 142 -10.69 10.58 9.35
C GLY A 142 -10.84 9.22 10.01
N LEU A 143 -12.04 8.67 9.94
CA LEU A 143 -12.34 7.38 10.53
C LEU A 143 -12.98 6.45 9.51
N SER A 144 -12.46 5.23 9.43
CA SER A 144 -13.02 4.23 8.52
C SER A 144 -13.51 3.08 9.37
N ALA A 145 -14.63 2.51 8.94
CA ALA A 145 -15.24 1.39 9.64
C ALA A 145 -15.10 0.10 8.85
N SER A 146 -14.68 -0.94 9.55
CA SER A 146 -14.49 -2.28 8.98
C SER A 146 -13.55 -2.39 7.80
N GLY A 147 -12.52 -1.56 7.78
CA GLY A 147 -11.54 -1.60 6.71
C GLY A 147 -11.88 -0.89 5.40
N SER A 148 -13.04 -0.24 5.33
CA SER A 148 -13.43 0.47 4.12
C SER A 148 -12.62 1.74 3.83
N ASP A 149 -12.55 2.11 2.56
CA ASP A 149 -11.83 3.32 2.16
C ASP A 149 -12.66 4.55 2.50
N TRP A 150 -13.96 4.36 2.65
CA TRP A 150 -14.86 5.47 3.01
C TRP A 150 -14.44 6.04 4.36
N VAL A 151 -14.45 7.36 4.45
CA VAL A 151 -14.04 8.06 5.65
C VAL A 151 -15.08 9.06 6.12
N THR A 152 -15.09 9.30 7.42
CA THR A 152 -15.93 10.30 8.05
C THR A 152 -14.89 11.18 8.73
N ILE A 153 -14.92 12.47 8.45
CA ILE A 153 -13.95 13.36 9.08
C ILE A 153 -14.57 14.05 10.28
N LYS A 154 -13.89 13.92 11.42
CA LYS A 154 -14.33 14.54 12.65
C LYS A 154 -13.28 15.56 13.10
N PHE A 155 -13.67 16.45 14.02
CA PHE A 155 -12.79 17.51 14.48
C PHE A 155 -12.62 17.62 15.98
N MET A 156 -11.46 18.12 16.39
CA MET A 156 -11.14 18.29 17.79
C MET A 156 -10.37 19.58 18.01
N LYS A 157 -10.48 20.10 19.23
CA LYS A 157 -9.74 21.28 19.64
C LYS A 157 -8.65 20.63 20.49
N VAL A 158 -7.39 20.82 20.10
CA VAL A 158 -6.26 20.22 20.81
C VAL A 158 -6.22 20.49 22.31
N ASP A 159 -6.37 21.76 22.69
CA ASP A 159 -6.35 22.15 24.09
C ASP A 159 -7.54 21.50 24.81
N GLY A 160 -7.24 20.49 25.60
CA GLY A 160 -8.28 19.78 26.34
C GLY A 160 -8.91 18.64 25.56
N ALA A 161 -8.40 18.40 24.34
CA ALA A 161 -8.92 17.33 23.47
C ALA A 161 -10.45 17.36 23.44
N LYS A 162 -10.99 18.53 23.13
CA LYS A 162 -12.43 18.71 23.08
C LYS A 162 -13.00 18.30 21.72
N GLU A 163 -14.05 17.47 21.77
CA GLU A 163 -14.71 17.00 20.58
C GLU A 163 -15.60 18.11 20.01
N LEU A 164 -15.48 18.35 18.70
CA LEU A 164 -16.27 19.39 18.04
C LEU A 164 -17.41 18.71 17.27
N PRO A 165 -18.49 19.46 16.96
CA PRO A 165 -19.63 18.87 16.22
C PRO A 165 -19.47 18.66 14.71
N ASP A 166 -18.54 19.37 14.09
CA ASP A 166 -18.31 19.25 12.64
C ASP A 166 -18.13 17.80 12.23
N VAL A 167 -18.86 17.37 11.21
CA VAL A 167 -18.77 16.00 10.70
C VAL A 167 -18.90 16.04 9.18
N LEU A 168 -17.91 15.45 8.50
CA LEU A 168 -17.90 15.42 7.04
C LEU A 168 -18.13 13.98 6.55
N GLU A 169 -19.09 13.79 5.66
CA GLU A 169 -19.43 12.49 5.09
C GLU A 169 -19.08 12.40 3.61
N ARG A 170 -19.11 11.18 3.08
CA ARG A 170 -18.83 10.88 1.67
C ARG A 170 -17.39 11.19 1.26
N VAL A 171 -16.50 11.14 2.23
CA VAL A 171 -15.08 11.40 2.04
C VAL A 171 -14.38 10.10 1.64
N LYS A 172 -13.58 10.18 0.58
CA LYS A 172 -12.83 9.02 0.06
C LYS A 172 -11.70 9.52 -0.85
N PHE A 173 -10.51 8.97 -0.67
CA PHE A 173 -9.30 9.36 -1.43
C PHE A 173 -9.17 10.87 -1.36
N SER A 174 -9.26 11.38 -0.14
CA SER A 174 -9.27 12.79 0.15
C SER A 174 -8.03 13.45 0.74
N CYS A 175 -7.89 14.74 0.42
CA CYS A 175 -6.81 15.55 0.94
C CYS A 175 -7.41 16.12 2.23
N MET A 176 -6.56 16.73 3.05
CA MET A 176 -6.95 17.37 4.29
C MET A 176 -5.93 18.46 4.48
N ALA A 177 -6.34 19.71 4.23
CA ALA A 177 -5.42 20.84 4.36
C ALA A 177 -6.12 22.10 4.84
N TRP A 178 -5.74 22.56 6.02
CA TRP A 178 -6.32 23.77 6.60
C TRP A 178 -5.71 25.03 6.00
N THR A 179 -6.51 26.07 5.82
CA THR A 179 -5.94 27.31 5.32
C THR A 179 -5.26 27.90 6.56
N HIS A 180 -4.18 28.63 6.34
CA HIS A 180 -3.42 29.20 7.45
C HIS A 180 -4.17 30.23 8.29
N ASP A 181 -5.31 30.74 7.80
CA ASP A 181 -6.08 31.67 8.61
C ASP A 181 -6.83 30.88 9.69
N GLY A 182 -6.76 29.56 9.59
CA GLY A 182 -7.42 28.70 10.57
C GLY A 182 -8.94 28.71 10.47
N LYS A 183 -9.47 29.23 9.37
CA LYS A 183 -10.91 29.32 9.17
C LYS A 183 -11.59 28.01 8.75
N GLY A 184 -10.87 27.18 8.03
CA GLY A 184 -11.46 25.94 7.57
C GLY A 184 -10.44 25.03 6.93
N MET A 185 -10.93 23.93 6.38
CA MET A 185 -10.08 22.92 5.77
C MET A 185 -10.62 22.37 4.45
N PHE A 186 -9.73 22.21 3.47
CA PHE A 186 -10.07 21.63 2.17
C PHE A 186 -10.13 20.12 2.34
N TYR A 187 -10.97 19.46 1.54
CA TYR A 187 -11.12 18.02 1.56
C TYR A 187 -11.85 17.56 0.30
N ASN A 188 -11.83 16.26 0.05
CA ASN A 188 -12.50 15.69 -1.13
C ASN A 188 -13.72 14.89 -0.73
N ALA A 189 -14.76 14.99 -1.55
CA ALA A 189 -15.99 14.24 -1.32
C ALA A 189 -16.59 13.77 -2.65
N TYR A 190 -17.33 12.67 -2.59
CA TYR A 190 -17.97 12.10 -3.76
C TYR A 190 -19.47 12.41 -3.77
N PRO A 191 -20.08 12.44 -4.97
CA PRO A 191 -21.52 12.74 -5.09
C PRO A 191 -22.36 11.66 -4.41
N GLN A 192 -23.65 11.96 -4.23
CA GLN A 192 -24.56 11.01 -3.61
C GLN A 192 -24.84 9.90 -4.61
N GLN A 193 -24.78 8.66 -4.16
CA GLN A 193 -25.00 7.50 -5.01
C GLN A 193 -26.03 6.56 -4.42
N ASP A 194 -26.80 5.91 -5.29
CA ASP A 194 -27.81 4.96 -4.83
C ASP A 194 -27.08 3.75 -4.23
N GLY A 195 -27.81 2.94 -3.47
CA GLY A 195 -27.19 1.78 -2.86
C GLY A 195 -26.37 2.15 -1.64
N LYS A 196 -25.54 1.22 -1.18
CA LYS A 196 -24.70 1.46 -0.02
C LYS A 196 -23.38 2.17 -0.30
N SER A 197 -22.81 2.73 0.76
CA SER A 197 -21.52 3.42 0.71
C SER A 197 -20.82 3.06 2.02
N ASP A 198 -20.71 1.76 2.29
CA ASP A 198 -20.08 1.30 3.52
C ASP A 198 -18.90 0.37 3.30
N GLY A 199 -18.58 0.12 2.03
CA GLY A 199 -17.47 -0.76 1.70
C GLY A 199 -17.89 -2.12 1.12
N THR A 200 -19.19 -2.42 1.12
CA THR A 200 -19.66 -3.69 0.58
C THR A 200 -20.17 -3.53 -0.85
N GLU A 201 -20.33 -2.28 -1.27
CA GLU A 201 -20.82 -2.01 -2.62
C GLU A 201 -19.68 -2.09 -3.64
N THR A 202 -20.05 -2.22 -4.91
CA THR A 202 -19.08 -2.32 -6.00
C THR A 202 -19.11 -1.06 -6.88
N SER A 203 -20.05 -0.16 -6.59
CA SER A 203 -20.23 1.07 -7.36
C SER A 203 -18.96 1.84 -7.67
N THR A 204 -18.81 2.24 -8.93
CA THR A 204 -17.64 2.98 -9.39
C THR A 204 -17.64 4.39 -8.77
N ASN A 205 -16.45 4.88 -8.45
CA ASN A 205 -16.28 6.19 -7.83
C ASN A 205 -15.86 7.25 -8.84
N LEU A 206 -16.78 8.13 -9.18
CA LEU A 206 -16.51 9.18 -10.14
C LEU A 206 -16.98 10.55 -9.67
N HIS A 207 -16.49 11.60 -10.33
CA HIS A 207 -16.86 12.98 -10.01
C HIS A 207 -16.45 13.43 -8.61
N GLN A 208 -15.24 13.10 -8.20
CA GLN A 208 -14.77 13.52 -6.90
C GLN A 208 -14.60 15.03 -6.99
N LYS A 209 -14.98 15.73 -5.94
CA LYS A 209 -14.86 17.18 -5.92
C LYS A 209 -14.04 17.68 -4.74
N LEU A 210 -13.55 18.90 -4.86
CA LEU A 210 -12.76 19.51 -3.78
C LEU A 210 -13.65 20.53 -3.09
N TYR A 211 -13.82 20.38 -1.79
CA TYR A 211 -14.62 21.29 -1.01
C TYR A 211 -13.78 21.94 0.06
N TYR A 212 -14.33 22.98 0.66
CA TYR A 212 -13.69 23.70 1.74
C TYR A 212 -14.73 23.79 2.84
N HIS A 213 -14.41 23.27 4.01
CA HIS A 213 -15.34 23.29 5.15
C HIS A 213 -14.93 24.34 6.17
N VAL A 214 -15.85 25.26 6.47
CA VAL A 214 -15.61 26.31 7.46
C VAL A 214 -15.87 25.70 8.84
N LEU A 215 -14.92 25.80 9.75
CA LEU A 215 -15.10 25.23 11.08
C LEU A 215 -16.31 25.90 11.75
N GLY A 216 -17.17 25.10 12.36
CA GLY A 216 -18.34 25.61 13.04
C GLY A 216 -19.61 25.64 12.20
N THR A 217 -19.54 25.07 11.00
CA THR A 217 -20.70 25.05 10.11
C THR A 217 -21.10 23.63 9.72
N ASP A 218 -22.27 23.50 9.10
CA ASP A 218 -22.74 22.19 8.67
C ASP A 218 -22.10 21.87 7.32
N GLN A 219 -21.93 20.60 7.00
CA GLN A 219 -21.33 20.21 5.72
C GLN A 219 -22.08 20.74 4.50
N SER A 220 -23.39 20.92 4.63
CA SER A 220 -24.21 21.43 3.52
C SER A 220 -23.79 22.84 3.10
N GLU A 221 -23.14 23.57 4.00
CA GLU A 221 -22.69 24.93 3.73
C GLU A 221 -21.34 24.96 3.03
N ASP A 222 -20.67 23.81 2.95
CA ASP A 222 -19.34 23.74 2.33
C ASP A 222 -19.24 24.33 0.93
N ILE A 223 -18.13 25.02 0.69
CA ILE A 223 -17.89 25.67 -0.59
C ILE A 223 -17.20 24.76 -1.61
N LEU A 224 -17.79 24.63 -2.79
CA LEU A 224 -17.21 23.82 -3.87
C LEU A 224 -16.12 24.68 -4.52
N CYS A 225 -14.87 24.28 -4.35
CA CYS A 225 -13.74 25.03 -4.89
C CYS A 225 -13.19 24.55 -6.21
N ALA A 226 -13.45 23.30 -6.56
CA ALA A 226 -12.98 22.74 -7.83
C ALA A 226 -13.71 21.45 -8.20
N GLU A 227 -14.02 21.30 -9.47
CA GLU A 227 -14.72 20.12 -9.97
C GLU A 227 -14.45 19.94 -11.48
N PHE A 228 -14.55 18.69 -11.94
CA PHE A 228 -14.29 18.40 -13.36
C PHE A 228 -15.39 17.51 -13.94
N PRO A 229 -16.57 18.10 -14.23
CA PRO A 229 -17.71 17.36 -14.79
C PRO A 229 -17.47 16.64 -16.11
N ASP A 230 -16.57 17.17 -16.93
CA ASP A 230 -16.25 16.57 -18.22
C ASP A 230 -15.19 15.48 -18.12
N GLU A 231 -14.54 15.39 -16.96
CA GLU A 231 -13.50 14.39 -16.71
C GLU A 231 -13.79 13.70 -15.38
N PRO A 232 -14.74 12.75 -15.38
CA PRO A 232 -15.20 11.96 -14.22
C PRO A 232 -14.13 11.26 -13.37
N LYS A 233 -13.00 10.92 -13.98
CA LYS A 233 -11.93 10.22 -13.26
C LYS A 233 -10.88 11.11 -12.62
N TRP A 234 -10.92 12.42 -12.93
CA TRP A 234 -9.95 13.36 -12.35
C TRP A 234 -10.20 13.51 -10.86
N MET A 235 -9.11 13.58 -10.11
CA MET A 235 -9.16 13.73 -8.64
C MET A 235 -8.22 14.88 -8.25
N GLY A 236 -8.77 15.94 -7.67
CA GLY A 236 -7.99 17.09 -7.29
C GLY A 236 -7.70 17.23 -5.80
N GLY A 237 -6.42 17.08 -5.45
CA GLY A 237 -6.01 17.19 -4.06
C GLY A 237 -5.40 18.54 -3.79
N ALA A 238 -5.82 19.18 -2.70
CA ALA A 238 -5.31 20.49 -2.35
C ALA A 238 -4.36 20.46 -1.15
N GLU A 239 -3.44 21.43 -1.14
CA GLU A 239 -2.47 21.58 -0.06
C GLU A 239 -2.07 23.05 -0.08
N LEU A 240 -1.78 23.60 1.09
CA LEU A 240 -1.35 24.99 1.19
C LEU A 240 0.16 25.05 1.17
N SER A 241 0.69 26.09 0.54
CA SER A 241 2.14 26.29 0.51
C SER A 241 2.59 26.54 1.96
N ASP A 242 3.87 26.33 2.25
CA ASP A 242 4.39 26.54 3.60
C ASP A 242 4.08 27.93 4.16
N ASP A 243 4.00 28.92 3.28
CA ASP A 243 3.70 30.28 3.72
C ASP A 243 2.20 30.61 3.78
N GLY A 244 1.36 29.65 3.40
CA GLY A 244 -0.08 29.82 3.43
C GLY A 244 -0.70 30.70 2.37
N ARG A 245 0.11 31.21 1.47
CA ARG A 245 -0.38 32.10 0.42
C ARG A 245 -1.02 31.39 -0.75
N TYR A 246 -0.51 30.21 -1.11
CA TYR A 246 -1.01 29.48 -2.27
C TYR A 246 -1.65 28.12 -1.99
N VAL A 247 -2.75 27.85 -2.69
CA VAL A 247 -3.42 26.56 -2.60
C VAL A 247 -2.90 25.84 -3.85
N LEU A 248 -2.19 24.74 -3.66
CA LEU A 248 -1.69 23.99 -4.81
C LEU A 248 -2.62 22.82 -5.09
N LEU A 249 -3.08 22.73 -6.32
CA LEU A 249 -4.00 21.66 -6.72
C LEU A 249 -3.30 20.64 -7.60
N SER A 250 -3.22 19.41 -7.11
CA SER A 250 -2.61 18.33 -7.86
C SER A 250 -3.73 17.44 -8.38
N ILE A 251 -3.93 17.45 -9.70
CA ILE A 251 -4.98 16.65 -10.31
C ILE A 251 -4.39 15.39 -10.90
N ARG A 252 -5.00 14.27 -10.54
CA ARG A 252 -4.56 12.97 -11.04
C ARG A 252 -5.68 12.23 -11.75
N GLU A 253 -5.29 11.33 -12.64
CA GLU A 253 -6.21 10.47 -13.38
C GLU A 253 -5.42 9.19 -13.60
N GLY A 254 -5.75 8.17 -12.83
CA GLY A 254 -5.04 6.92 -12.94
C GLY A 254 -4.05 6.85 -11.79
N CYS A 255 -3.10 5.94 -11.89
CA CYS A 255 -2.11 5.72 -10.84
C CYS A 255 -0.66 6.02 -11.21
N ASP A 256 -0.44 6.55 -12.41
CA ASP A 256 0.92 6.88 -12.83
C ASP A 256 1.42 8.04 -11.98
N PRO A 257 2.73 8.09 -11.72
CA PRO A 257 3.28 9.18 -10.92
C PRO A 257 3.36 10.45 -11.76
N VAL A 258 2.19 11.04 -12.01
CA VAL A 258 2.07 12.27 -12.80
C VAL A 258 0.87 13.05 -12.28
N ASN A 259 0.88 14.36 -12.48
CA ASN A 259 -0.22 15.20 -12.05
C ASN A 259 -0.16 16.56 -12.71
N ARG A 260 -1.33 17.18 -12.82
CA ARG A 260 -1.44 18.54 -13.31
C ARG A 260 -1.23 19.34 -12.02
N LEU A 261 -0.71 20.56 -12.15
CA LEU A 261 -0.47 21.40 -10.99
C LEU A 261 -1.04 22.78 -11.27
N TRP A 262 -2.11 23.11 -10.56
CA TRP A 262 -2.75 24.41 -10.70
C TRP A 262 -2.53 25.09 -9.35
N TYR A 263 -2.49 26.41 -9.34
CA TYR A 263 -2.32 27.11 -8.08
C TYR A 263 -3.27 28.27 -7.95
N CYS A 264 -3.53 28.65 -6.71
CA CYS A 264 -4.41 29.78 -6.42
C CYS A 264 -3.75 30.67 -5.37
N ASP A 265 -3.45 31.89 -5.79
CA ASP A 265 -2.84 32.88 -4.90
C ASP A 265 -4.00 33.42 -4.07
N LEU A 266 -4.13 32.96 -2.83
CA LEU A 266 -5.24 33.41 -1.97
C LEU A 266 -5.34 34.91 -1.80
N GLN A 267 -4.21 35.60 -1.91
CA GLN A 267 -4.16 37.04 -1.78
C GLN A 267 -4.93 37.70 -2.93
N GLN A 268 -5.06 36.98 -4.05
CA GLN A 268 -5.78 37.50 -5.22
C GLN A 268 -7.27 37.20 -5.29
N GLU A 269 -7.81 36.51 -4.29
CA GLU A 269 -9.24 36.20 -4.29
C GLU A 269 -10.03 37.44 -3.87
N SER A 270 -11.11 37.72 -4.60
CA SER A 270 -11.96 38.88 -4.34
C SER A 270 -12.24 39.08 -2.86
N ASN A 271 -12.86 38.09 -2.22
CA ASN A 271 -13.16 38.15 -0.78
C ASN A 271 -13.20 36.75 -0.17
N GLY A 272 -12.03 36.12 -0.11
CA GLY A 272 -11.92 34.79 0.46
C GLY A 272 -12.42 33.68 -0.42
N ILE A 273 -12.43 32.46 0.14
CA ILE A 273 -12.87 31.26 -0.55
C ILE A 273 -14.41 31.28 -0.58
N THR A 274 -14.96 31.70 -1.71
CA THR A 274 -16.41 31.82 -1.87
C THR A 274 -17.01 30.94 -2.96
N GLY A 275 -16.17 30.23 -3.70
CA GLY A 275 -16.65 29.37 -4.76
C GLY A 275 -15.48 28.83 -5.56
N ILE A 276 -15.67 28.63 -6.87
CA ILE A 276 -14.59 28.13 -7.72
C ILE A 276 -13.47 29.18 -7.68
N LEU A 277 -12.29 28.74 -7.24
CA LEU A 277 -11.15 29.62 -7.12
C LEU A 277 -10.55 30.01 -8.46
N LYS A 278 -9.86 31.15 -8.49
CA LYS A 278 -9.23 31.64 -9.70
C LYS A 278 -7.91 30.91 -9.94
N TRP A 279 -8.03 29.68 -10.44
CA TRP A 279 -6.90 28.83 -10.68
C TRP A 279 -6.06 29.25 -11.88
N VAL A 280 -4.74 29.15 -11.70
CA VAL A 280 -3.75 29.45 -12.73
C VAL A 280 -3.21 28.05 -13.02
N LYS A 281 -3.40 27.59 -14.26
CA LYS A 281 -2.99 26.25 -14.65
C LYS A 281 -1.53 26.17 -15.07
N LEU A 282 -0.64 26.21 -14.09
CA LEU A 282 0.80 26.16 -14.30
C LEU A 282 1.22 24.96 -15.14
N ILE A 283 0.88 23.76 -14.67
CA ILE A 283 1.18 22.55 -15.39
C ILE A 283 -0.18 21.96 -15.71
N ASP A 284 -0.61 22.10 -16.97
CA ASP A 284 -1.92 21.63 -17.35
C ASP A 284 -1.92 20.43 -18.29
N ASN A 285 -1.25 19.38 -17.87
CA ASN A 285 -1.18 18.15 -18.64
C ASN A 285 -0.73 17.07 -17.66
N PHE A 286 -0.87 15.81 -18.04
CA PHE A 286 -0.48 14.68 -17.19
C PHE A 286 0.84 14.08 -17.64
N GLU A 287 1.76 14.93 -18.11
CA GLU A 287 3.06 14.46 -18.59
C GLU A 287 4.11 14.22 -17.52
N GLY A 288 3.96 14.81 -16.33
CA GLY A 288 4.96 14.61 -15.30
C GLY A 288 4.46 14.82 -13.89
N GLU A 289 5.24 14.37 -12.91
CA GLU A 289 4.83 14.55 -11.53
C GLU A 289 5.53 15.77 -10.97
N TYR A 290 4.76 16.60 -10.28
CA TYR A 290 5.28 17.81 -9.63
C TYR A 290 4.81 17.74 -8.20
N ASP A 291 5.73 17.38 -7.32
CA ASP A 291 5.46 17.19 -5.91
C ASP A 291 6.06 18.36 -5.13
N TYR A 292 5.18 19.19 -4.55
CA TYR A 292 5.58 20.37 -3.78
C TYR A 292 6.45 20.09 -2.58
N VAL A 293 7.62 20.74 -2.53
CA VAL A 293 8.55 20.59 -1.42
C VAL A 293 8.44 21.86 -0.56
N THR A 294 8.75 23.01 -1.15
CA THR A 294 8.67 24.28 -0.42
C THR A 294 8.70 25.41 -1.44
N ASN A 295 8.59 26.65 -0.97
CA ASN A 295 8.67 27.80 -1.84
C ASN A 295 9.23 28.97 -1.05
N GLU A 296 9.82 29.92 -1.77
CA GLU A 296 10.38 31.11 -1.18
C GLU A 296 9.85 32.16 -2.12
N GLY A 297 8.83 32.87 -1.68
CA GLY A 297 8.21 33.88 -2.52
C GLY A 297 7.60 33.15 -3.69
N THR A 298 7.88 33.60 -4.91
CA THR A 298 7.32 32.95 -6.08
C THR A 298 8.11 31.75 -6.59
N VAL A 299 9.24 31.43 -5.95
CA VAL A 299 10.07 30.30 -6.36
C VAL A 299 9.67 29.01 -5.65
N PHE A 300 9.05 28.13 -6.42
CA PHE A 300 8.58 26.86 -5.92
C PHE A 300 9.47 25.68 -6.26
N THR A 301 9.89 24.94 -5.24
CA THR A 301 10.72 23.77 -5.42
C THR A 301 9.85 22.50 -5.48
N PHE A 302 9.97 21.75 -6.56
CA PHE A 302 9.19 20.53 -6.73
C PHE A 302 10.09 19.32 -7.02
N LYS A 303 9.68 18.15 -6.55
CA LYS A 303 10.41 16.92 -6.85
C LYS A 303 9.68 16.51 -8.13
N THR A 304 10.43 16.17 -9.17
CA THR A 304 9.78 15.81 -10.42
C THR A 304 10.44 14.62 -11.09
N ASN A 305 9.71 14.01 -12.02
CA ASN A 305 10.21 12.89 -12.79
C ASN A 305 10.13 13.28 -14.27
N ARG A 306 9.87 14.58 -14.50
CA ARG A 306 9.77 15.13 -15.85
C ARG A 306 11.10 14.92 -16.56
N HIS A 307 11.15 13.95 -17.47
CA HIS A 307 12.39 13.63 -18.19
C HIS A 307 13.48 13.29 -17.19
N SER A 308 13.07 12.72 -16.07
CA SER A 308 13.99 12.33 -15.00
C SER A 308 13.38 11.12 -14.29
N PRO A 309 13.49 9.93 -14.91
CA PRO A 309 12.96 8.68 -14.36
C PRO A 309 13.38 8.36 -12.92
N ASN A 310 14.53 8.84 -12.49
CA ASN A 310 14.98 8.58 -11.12
C ASN A 310 14.66 9.75 -10.18
N TYR A 311 13.95 10.74 -10.74
CA TYR A 311 13.50 11.94 -10.03
C TYR A 311 14.60 12.96 -9.69
N ARG A 312 14.23 14.23 -9.65
CA ARG A 312 15.16 15.31 -9.33
C ARG A 312 14.39 16.47 -8.71
N LEU A 313 15.08 17.53 -8.31
CA LEU A 313 14.42 18.70 -7.73
C LEU A 313 14.62 19.89 -8.68
N ILE A 314 13.52 20.57 -8.99
CA ILE A 314 13.56 21.73 -9.87
C ILE A 314 12.87 22.89 -9.18
N ASN A 315 13.27 24.11 -9.52
CA ASN A 315 12.64 25.31 -8.99
C ASN A 315 11.86 25.95 -10.14
N ILE A 316 10.57 26.17 -9.93
CA ILE A 316 9.74 26.81 -10.93
C ILE A 316 9.31 28.15 -10.34
N ASP A 317 9.69 29.23 -11.02
CA ASP A 317 9.35 30.58 -10.60
C ASP A 317 8.03 30.93 -11.26
N PHE A 318 7.02 31.21 -10.45
CA PHE A 318 5.69 31.55 -10.96
C PHE A 318 5.71 32.79 -11.86
N THR A 319 6.68 33.68 -11.67
CA THR A 319 6.77 34.90 -12.49
C THR A 319 7.48 34.64 -13.82
N ASP A 320 8.08 33.46 -13.95
CA ASP A 320 8.79 33.08 -15.17
C ASP A 320 8.64 31.56 -15.27
N PRO A 321 7.40 31.09 -15.46
CA PRO A 321 6.95 29.69 -15.56
C PRO A 321 7.39 28.76 -16.71
N GLU A 322 7.88 29.31 -17.81
CA GLU A 322 8.31 28.48 -18.95
C GLU A 322 9.35 27.44 -18.56
N GLU A 323 9.16 26.24 -19.09
CA GLU A 323 10.05 25.11 -18.80
C GLU A 323 11.54 25.37 -19.00
N SER A 324 11.89 26.10 -20.05
CA SER A 324 13.29 26.41 -20.33
C SER A 324 13.91 27.27 -19.23
N LYS A 325 13.07 27.93 -18.45
CA LYS A 325 13.53 28.80 -17.38
C LYS A 325 13.72 28.09 -16.04
N TRP A 326 13.11 26.91 -15.89
CA TRP A 326 13.22 26.16 -14.65
C TRP A 326 14.66 25.89 -14.25
N LYS A 327 14.93 25.97 -12.96
CA LYS A 327 16.27 25.70 -12.44
C LYS A 327 16.35 24.27 -11.90
N VAL A 328 17.46 23.60 -12.15
CA VAL A 328 17.67 22.25 -11.67
C VAL A 328 18.49 22.38 -10.39
N LEU A 329 17.78 22.32 -9.26
CA LEU A 329 18.36 22.46 -7.92
C LEU A 329 19.22 21.27 -7.52
N VAL A 330 18.66 20.07 -7.68
CA VAL A 330 19.38 18.83 -7.37
C VAL A 330 19.13 17.94 -8.57
N PRO A 331 20.15 17.76 -9.44
CA PRO A 331 20.04 16.93 -10.63
C PRO A 331 19.70 15.45 -10.37
N GLU A 332 19.14 14.78 -11.37
CA GLU A 332 18.78 13.37 -11.25
C GLU A 332 20.04 12.52 -11.19
N HIS A 333 20.01 11.46 -10.39
CA HIS A 333 21.15 10.55 -10.27
C HIS A 333 21.00 9.52 -11.39
N GLU A 334 22.12 9.02 -11.91
CA GLU A 334 22.06 8.05 -12.99
C GLU A 334 21.45 6.70 -12.62
N LYS A 335 21.21 6.45 -11.34
CA LYS A 335 20.64 5.17 -10.93
C LYS A 335 19.79 5.23 -9.66
N ASP A 336 20.29 5.92 -8.64
CA ASP A 336 19.55 6.04 -7.38
C ASP A 336 18.28 6.85 -7.50
N VAL A 337 17.19 6.30 -6.96
CA VAL A 337 15.89 6.96 -7.00
C VAL A 337 15.69 7.89 -5.82
N LEU A 338 15.30 9.13 -6.11
CA LEU A 338 15.02 10.10 -5.07
C LEU A 338 13.56 9.84 -4.69
N GLU A 339 13.35 9.18 -3.56
CA GLU A 339 12.02 8.81 -3.10
C GLU A 339 11.13 9.96 -2.62
N TRP A 340 11.67 10.78 -1.72
CA TRP A 340 10.92 11.91 -1.19
C TRP A 340 11.85 12.98 -0.67
N VAL A 341 11.32 14.18 -0.53
CA VAL A 341 12.08 15.33 -0.05
C VAL A 341 11.19 16.16 0.86
N ALA A 342 11.80 16.71 1.90
CA ALA A 342 11.11 17.55 2.85
C ALA A 342 12.00 18.74 3.16
N CYS A 343 11.38 19.89 3.42
CA CYS A 343 12.11 21.10 3.76
C CYS A 343 11.95 21.27 5.27
N VAL A 344 13.05 21.55 5.96
CA VAL A 344 13.00 21.72 7.40
C VAL A 344 13.92 22.85 7.82
N ARG A 345 13.68 23.42 9.00
CA ARG A 345 14.46 24.54 9.51
C ARG A 345 14.70 25.64 8.47
N SER A 346 13.63 26.04 7.79
CA SER A 346 13.68 27.08 6.77
C SER A 346 14.46 26.81 5.49
N ASN A 347 15.78 26.59 5.60
CA ASN A 347 16.60 26.38 4.41
C ASN A 347 17.32 25.04 4.27
N PHE A 348 16.79 24.00 4.88
CA PHE A 348 17.38 22.67 4.77
C PHE A 348 16.42 21.76 4.01
N LEU A 349 16.98 20.81 3.26
CA LEU A 349 16.18 19.83 2.54
C LEU A 349 16.67 18.45 2.94
N VAL A 350 15.76 17.60 3.35
CA VAL A 350 16.12 16.23 3.71
C VAL A 350 15.73 15.41 2.49
N LEU A 351 16.73 14.77 1.88
CA LEU A 351 16.53 13.94 0.70
C LEU A 351 16.67 12.47 1.07
N CYS A 352 15.73 11.64 0.65
CA CYS A 352 15.80 10.21 0.93
C CYS A 352 15.96 9.47 -0.39
N TYR A 353 17.03 8.71 -0.52
CA TYR A 353 17.32 7.96 -1.73
C TYR A 353 17.19 6.45 -1.58
N LEU A 354 16.90 5.78 -2.69
CA LEU A 354 16.80 4.33 -2.71
C LEU A 354 17.96 3.86 -3.59
N HIS A 355 18.98 3.28 -2.95
CA HIS A 355 20.16 2.77 -3.63
C HIS A 355 20.12 1.26 -3.52
N ASP A 356 19.93 0.58 -4.66
CA ASP A 356 19.84 -0.88 -4.71
C ASP A 356 18.86 -1.44 -3.68
N VAL A 357 17.67 -0.82 -3.64
CA VAL A 357 16.58 -1.19 -2.76
C VAL A 357 16.85 -0.98 -1.27
N LYS A 358 17.75 -0.04 -0.96
CA LYS A 358 18.09 0.30 0.42
C LYS A 358 18.08 1.82 0.53
N ASN A 359 17.57 2.34 1.63
CA ASN A 359 17.49 3.80 1.83
C ASN A 359 18.73 4.50 2.36
N THR A 360 18.83 5.78 2.01
CA THR A 360 19.92 6.64 2.48
C THR A 360 19.24 7.97 2.78
N LEU A 361 19.76 8.72 3.77
CA LEU A 361 19.21 10.01 4.13
C LEU A 361 20.30 11.06 4.07
N GLN A 362 19.95 12.22 3.51
CA GLN A 362 20.93 13.30 3.35
C GLN A 362 20.29 14.66 3.54
N LEU A 363 21.06 15.59 4.08
CA LEU A 363 20.60 16.96 4.29
C LEU A 363 21.30 17.81 3.23
N HIS A 364 20.52 18.63 2.54
CA HIS A 364 21.04 19.51 1.50
C HIS A 364 20.62 20.95 1.79
N ASP A 365 21.37 21.91 1.28
CA ASP A 365 21.01 23.33 1.47
C ASP A 365 19.95 23.68 0.43
N LEU A 366 18.94 24.44 0.84
CA LEU A 366 17.86 24.82 -0.09
C LEU A 366 18.28 25.73 -1.23
N ALA A 367 19.09 26.75 -0.93
CA ALA A 367 19.51 27.70 -1.95
C ALA A 367 20.39 27.16 -3.07
N THR A 368 21.32 26.27 -2.75
CA THR A 368 22.22 25.74 -3.76
C THR A 368 21.94 24.29 -4.15
N GLY A 369 21.29 23.55 -3.26
CA GLY A 369 21.01 22.15 -3.53
C GLY A 369 22.18 21.27 -3.08
N ALA A 370 23.22 21.92 -2.56
CA ALA A 370 24.43 21.24 -2.10
C ALA A 370 24.25 20.29 -0.91
N LEU A 371 24.96 19.16 -0.96
CA LEU A 371 24.92 18.16 0.10
C LEU A 371 25.68 18.71 1.29
N LEU A 372 25.06 18.63 2.46
CA LEU A 372 25.66 19.11 3.69
C LEU A 372 25.98 17.99 4.69
N LYS A 373 25.08 17.01 4.80
CA LYS A 373 25.27 15.93 5.77
C LYS A 373 24.62 14.63 5.34
N ILE A 374 25.32 13.53 5.63
CA ILE A 374 24.82 12.19 5.32
C ILE A 374 24.46 11.56 6.67
N PHE A 375 23.18 11.25 6.87
CA PHE A 375 22.75 10.62 8.11
C PHE A 375 23.06 9.12 8.01
N PRO A 376 23.94 8.62 8.90
CA PRO A 376 24.34 7.21 8.92
C PRO A 376 23.19 6.23 9.18
N LEU A 377 23.00 5.29 8.27
CA LEU A 377 21.95 4.28 8.38
C LEU A 377 22.46 2.91 7.96
N GLU A 378 21.89 1.88 8.55
CA GLU A 378 22.25 0.50 8.23
C GLU A 378 21.42 0.07 7.02
N VAL A 379 21.57 -1.17 6.59
CA VAL A 379 20.83 -1.70 5.46
C VAL A 379 19.37 -1.90 5.85
N GLY A 380 18.49 -1.04 5.33
CA GLY A 380 17.07 -1.14 5.65
C GLY A 380 16.27 -0.05 4.99
N SER A 381 15.17 0.37 5.62
CA SER A 381 14.32 1.41 5.06
C SER A 381 13.92 2.49 6.06
N VAL A 382 13.73 3.70 5.56
CA VAL A 382 13.26 4.80 6.39
C VAL A 382 11.75 4.70 6.15
N VAL A 383 10.97 4.53 7.21
CA VAL A 383 9.53 4.39 7.06
C VAL A 383 8.76 5.40 7.93
N GLY A 384 9.48 6.41 8.41
CA GLY A 384 8.85 7.43 9.23
C GLY A 384 9.75 8.65 9.27
N TYR A 385 9.16 9.84 9.31
CA TYR A 385 9.91 11.10 9.35
C TYR A 385 9.02 12.23 9.81
N SER A 386 9.64 13.25 10.41
CA SER A 386 8.93 14.45 10.85
C SER A 386 9.89 15.63 10.72
N GLY A 387 9.37 16.78 10.34
CA GLY A 387 10.19 17.97 10.19
C GLY A 387 9.65 18.81 9.06
N GLN A 388 8.87 19.82 9.43
CA GLN A 388 8.28 20.73 8.45
C GLN A 388 9.17 21.96 8.38
N LYS A 389 8.86 22.89 7.47
CA LYS A 389 9.66 24.09 7.29
C LYS A 389 9.94 24.92 8.55
N LYS A 390 8.97 25.05 9.43
CA LYS A 390 9.15 25.83 10.65
C LYS A 390 9.81 25.06 11.79
N ASP A 391 9.94 23.74 11.66
CA ASP A 391 10.59 22.96 12.71
C ASP A 391 12.10 23.15 12.64
N THR A 392 12.77 22.90 13.76
CA THR A 392 14.22 23.05 13.82
C THR A 392 14.87 21.72 14.18
N GLU A 393 14.14 20.63 13.99
CA GLU A 393 14.63 19.30 14.31
C GLU A 393 13.92 18.28 13.45
N ILE A 394 14.51 17.09 13.35
CA ILE A 394 13.92 16.00 12.58
C ILE A 394 13.96 14.73 13.39
N PHE A 395 13.02 13.85 13.08
CA PHE A 395 12.92 12.53 13.67
C PHE A 395 12.77 11.61 12.46
N TYR A 396 13.40 10.45 12.49
CA TYR A 396 13.25 9.51 11.39
C TYR A 396 13.29 8.08 11.90
N GLN A 397 12.43 7.24 11.35
CA GLN A 397 12.30 5.84 11.77
C GLN A 397 12.95 4.91 10.74
N PHE A 398 13.85 4.07 11.21
CA PHE A 398 14.55 3.12 10.37
C PHE A 398 14.13 1.71 10.75
N THR A 399 14.00 0.84 9.75
CA THR A 399 13.63 -0.55 10.00
C THR A 399 14.33 -1.46 9.01
N SER A 400 14.33 -2.76 9.29
CA SER A 400 14.97 -3.72 8.40
C SER A 400 14.32 -5.08 8.61
N PHE A 401 14.77 -6.09 7.88
CA PHE A 401 14.20 -7.44 8.00
C PHE A 401 14.45 -8.03 9.39
N LEU A 402 15.58 -7.70 9.99
CA LEU A 402 15.94 -8.24 11.29
C LEU A 402 15.81 -7.30 12.48
N SER A 403 15.67 -5.99 12.24
CA SER A 403 15.56 -5.03 13.34
C SER A 403 14.15 -4.44 13.43
N PRO A 404 13.57 -4.43 14.64
CA PRO A 404 12.21 -3.89 14.86
C PRO A 404 12.09 -2.45 14.36
N GLY A 405 13.14 -1.66 14.58
CA GLY A 405 13.10 -0.28 14.14
C GLY A 405 13.70 0.65 15.18
N ILE A 406 14.48 1.61 14.70
CA ILE A 406 15.11 2.58 15.58
C ILE A 406 14.68 3.97 15.15
N ILE A 407 14.29 4.80 16.11
CA ILE A 407 13.87 6.17 15.82
C ILE A 407 15.04 7.09 16.19
N TYR A 408 15.49 7.87 15.22
CA TYR A 408 16.59 8.81 15.45
C TYR A 408 16.04 10.23 15.56
N HIS A 409 16.82 11.11 16.16
CA HIS A 409 16.45 12.50 16.35
C HIS A 409 17.67 13.38 16.12
N CYS A 410 17.48 14.54 15.50
CA CYS A 410 18.59 15.46 15.26
C CYS A 410 18.14 16.91 15.37
N ASP A 411 18.74 17.62 16.33
CA ASP A 411 18.47 19.03 16.57
C ASP A 411 19.19 19.79 15.47
N LEU A 412 18.44 20.40 14.57
CA LEU A 412 19.04 21.13 13.45
C LEU A 412 19.52 22.56 13.75
N THR A 413 19.31 23.05 14.96
CA THR A 413 19.78 24.40 15.32
C THR A 413 21.26 24.37 15.66
N LYS A 414 21.72 23.21 16.12
CA LYS A 414 23.11 23.02 16.49
C LYS A 414 24.07 23.22 15.33
N GLU A 415 25.15 23.94 15.59
CA GLU A 415 26.18 24.22 14.60
C GLU A 415 26.64 22.90 14.00
N GLU A 416 27.07 22.01 14.88
CA GLU A 416 27.53 20.68 14.48
C GLU A 416 26.41 19.69 14.78
N LEU A 417 25.85 19.13 13.71
CA LEU A 417 24.74 18.18 13.81
C LEU A 417 25.13 16.83 14.39
N GLU A 418 24.50 16.48 15.50
CA GLU A 418 24.76 15.21 16.17
C GLU A 418 23.50 14.36 16.21
N PRO A 419 23.27 13.51 15.18
CA PRO A 419 22.08 12.67 15.18
C PRO A 419 22.21 11.60 16.26
N ARG A 420 21.14 11.36 17.01
CA ARG A 420 21.17 10.39 18.08
C ARG A 420 19.92 9.52 18.14
N VAL A 421 20.04 8.37 18.82
CA VAL A 421 18.93 7.46 18.98
C VAL A 421 17.95 8.09 19.96
N PHE A 422 16.68 8.11 19.57
CA PHE A 422 15.64 8.70 20.41
C PHE A 422 14.81 7.59 21.03
N ARG A 423 14.57 6.54 20.25
CA ARG A 423 13.78 5.42 20.71
C ARG A 423 14.22 4.15 20.00
N GLU A 424 14.40 3.08 20.77
CA GLU A 424 14.82 1.81 20.22
C GLU A 424 14.22 0.69 21.06
N VAL A 425 13.53 -0.23 20.41
CA VAL A 425 12.92 -1.37 21.09
C VAL A 425 13.40 -2.63 20.41
N THR A 426 13.74 -3.66 21.20
CA THR A 426 14.23 -4.91 20.62
C THR A 426 13.26 -6.07 20.93
N VAL A 427 13.11 -7.00 19.99
CA VAL A 427 12.20 -8.14 20.19
C VAL A 427 12.89 -9.35 20.79
N LYS A 428 12.79 -9.47 22.11
CA LYS A 428 13.39 -10.57 22.86
C LYS A 428 12.73 -11.89 22.46
N GLY A 429 13.43 -12.63 21.60
CA GLY A 429 12.90 -13.90 21.14
C GLY A 429 13.54 -14.20 19.79
N ILE A 430 13.55 -13.19 18.93
CA ILE A 430 14.13 -13.30 17.60
C ILE A 430 15.53 -12.67 17.67
N ASP A 431 16.55 -13.51 17.83
CA ASP A 431 17.93 -13.02 17.90
C ASP A 431 18.47 -12.78 16.49
N ALA A 432 18.54 -11.50 16.10
CA ALA A 432 19.01 -11.09 14.77
C ALA A 432 20.36 -11.67 14.37
N SER A 433 21.23 -11.90 15.36
CA SER A 433 22.56 -12.46 15.14
C SER A 433 22.54 -13.84 14.51
N ASP A 434 21.44 -14.56 14.68
CA ASP A 434 21.31 -15.91 14.15
C ASP A 434 20.95 -15.97 12.68
N TYR A 435 20.69 -14.80 12.09
CA TYR A 435 20.29 -14.72 10.69
C TYR A 435 21.10 -13.72 9.88
N GLN A 436 20.90 -13.75 8.56
CA GLN A 436 21.60 -12.85 7.67
C GLN A 436 20.70 -12.52 6.49
N THR A 437 20.90 -11.33 5.95
CA THR A 437 20.15 -10.86 4.80
C THR A 437 21.14 -10.62 3.68
N VAL A 438 20.97 -11.35 2.59
CA VAL A 438 21.83 -11.21 1.44
C VAL A 438 21.01 -10.70 0.26
N GLN A 439 21.62 -9.85 -0.55
CA GLN A 439 20.96 -9.32 -1.72
C GLN A 439 21.68 -9.86 -2.94
N ILE A 440 20.93 -10.43 -3.86
CA ILE A 440 21.50 -10.96 -5.09
C ILE A 440 20.77 -10.35 -6.27
N PHE A 441 21.33 -10.51 -7.46
CA PHE A 441 20.73 -10.01 -8.69
C PHE A 441 20.75 -11.17 -9.67
N TYR A 442 19.56 -11.67 -10.01
CA TYR A 442 19.44 -12.82 -10.91
C TYR A 442 18.91 -12.40 -12.29
N PRO A 443 19.34 -13.08 -13.35
CA PRO A 443 18.88 -12.75 -14.71
C PRO A 443 17.46 -13.24 -15.00
N SER A 444 16.60 -12.36 -15.47
CA SER A 444 15.25 -12.76 -15.81
C SER A 444 15.30 -13.35 -17.22
N LYS A 445 14.13 -13.75 -17.74
CA LYS A 445 14.03 -14.33 -19.07
C LYS A 445 14.74 -13.53 -20.17
N ASP A 446 14.56 -12.21 -20.17
CA ASP A 446 15.19 -11.37 -21.18
C ASP A 446 16.61 -10.90 -20.85
N GLY A 447 17.16 -11.38 -19.73
CA GLY A 447 18.51 -11.01 -19.33
C GLY A 447 18.63 -9.93 -18.27
N THR A 448 17.53 -9.23 -18.03
CA THR A 448 17.47 -8.16 -17.04
C THR A 448 17.80 -8.66 -15.63
N LYS A 449 18.75 -8.01 -14.97
CA LYS A 449 19.14 -8.39 -13.62
C LYS A 449 18.06 -7.84 -12.67
N ILE A 450 17.50 -8.72 -11.84
CA ILE A 450 16.47 -8.35 -10.89
C ILE A 450 16.98 -8.57 -9.47
N PRO A 451 16.83 -7.56 -8.59
CA PRO A 451 17.32 -7.72 -7.22
C PRO A 451 16.38 -8.63 -6.42
N MET A 452 16.94 -9.37 -5.47
CA MET A 452 16.16 -10.22 -4.59
C MET A 452 16.83 -10.31 -3.22
N PHE A 453 16.05 -10.06 -2.17
CA PHE A 453 16.54 -10.16 -0.79
C PHE A 453 16.24 -11.56 -0.27
N ILE A 454 17.24 -12.20 0.32
CA ILE A 454 17.02 -13.52 0.92
C ILE A 454 17.41 -13.44 2.39
N VAL A 455 16.51 -13.87 3.26
CA VAL A 455 16.75 -13.86 4.70
C VAL A 455 16.69 -15.30 5.20
N HIS A 456 17.75 -15.74 5.87
CA HIS A 456 17.80 -17.11 6.38
C HIS A 456 18.73 -17.24 7.57
N LYS A 457 18.70 -18.41 8.21
CA LYS A 457 19.57 -18.69 9.35
C LYS A 457 20.99 -18.85 8.84
N LYS A 458 21.96 -18.41 9.62
CA LYS A 458 23.36 -18.52 9.24
C LYS A 458 23.85 -19.97 9.22
N GLY A 459 24.70 -20.28 8.24
CA GLY A 459 25.27 -21.61 8.12
C GLY A 459 24.39 -22.74 7.61
N ILE A 460 23.28 -22.42 6.95
CA ILE A 460 22.43 -23.47 6.43
C ILE A 460 23.04 -24.08 5.17
N LYS A 461 22.77 -25.36 4.93
CA LYS A 461 23.28 -26.04 3.76
C LYS A 461 22.34 -25.74 2.59
N LEU A 462 22.92 -25.40 1.45
CA LEU A 462 22.12 -25.09 0.27
C LEU A 462 21.86 -26.40 -0.47
N ASP A 463 21.12 -27.28 0.17
CA ASP A 463 20.78 -28.59 -0.37
C ASP A 463 19.33 -28.70 -0.84
N GLY A 464 18.64 -27.56 -0.93
CA GLY A 464 17.26 -27.52 -1.38
C GLY A 464 16.18 -28.12 -0.48
N SER A 465 16.55 -28.47 0.75
CA SER A 465 15.60 -29.08 1.68
C SER A 465 14.73 -28.10 2.50
N HIS A 466 15.04 -26.82 2.43
CA HIS A 466 14.32 -25.83 3.21
C HIS A 466 13.05 -25.26 2.61
N PRO A 467 12.03 -25.01 3.45
CA PRO A 467 10.78 -24.45 2.95
C PRO A 467 11.12 -22.98 2.68
N ALA A 468 10.52 -22.40 1.65
CA ALA A 468 10.77 -21.01 1.33
C ALA A 468 9.47 -20.24 1.12
N PHE A 469 9.50 -18.96 1.45
CA PHE A 469 8.35 -18.08 1.31
C PHE A 469 8.87 -16.92 0.44
N LEU A 470 8.44 -16.90 -0.82
CA LEU A 470 8.84 -15.88 -1.79
C LEU A 470 7.72 -14.85 -2.01
N TYR A 471 8.02 -13.59 -1.73
CA TYR A 471 7.07 -12.48 -1.85
C TYR A 471 7.34 -11.54 -3.03
N GLY A 472 6.28 -10.93 -3.55
CA GLY A 472 6.40 -9.99 -4.65
C GLY A 472 5.14 -9.16 -4.83
N TYR A 473 5.26 -8.05 -5.55
CA TYR A 473 4.14 -7.17 -5.85
C TYR A 473 4.22 -6.86 -7.34
N GLY A 474 5.26 -6.13 -7.73
CA GLY A 474 5.50 -5.81 -9.13
C GLY A 474 4.52 -4.87 -9.81
N GLY A 475 4.45 -3.63 -9.35
CA GLY A 475 3.54 -2.70 -10.00
C GLY A 475 3.34 -1.36 -9.29
N PHE A 476 2.70 -0.46 -10.02
CA PHE A 476 2.35 0.87 -9.53
C PHE A 476 3.48 1.68 -8.95
N ASN A 477 4.69 1.49 -9.49
CA ASN A 477 5.86 2.22 -9.02
C ASN A 477 6.13 2.03 -7.51
N ILE A 478 5.64 0.92 -6.96
CA ILE A 478 5.85 0.62 -5.54
C ILE A 478 7.14 -0.17 -5.33
N SER A 479 8.00 0.32 -4.46
CA SER A 479 9.26 -0.35 -4.16
C SER A 479 9.12 -1.20 -2.92
N ILE A 480 9.38 -2.49 -3.04
CA ILE A 480 9.28 -3.40 -1.90
C ILE A 480 10.63 -3.43 -1.19
N THR A 481 10.77 -2.58 -0.19
CA THR A 481 12.00 -2.44 0.57
C THR A 481 11.96 -3.21 1.89
N PRO A 482 13.14 -3.39 2.53
CA PRO A 482 13.21 -4.12 3.81
C PRO A 482 12.28 -3.60 4.89
N ASN A 483 11.58 -4.51 5.56
CA ASN A 483 10.65 -4.12 6.63
C ASN A 483 10.60 -5.25 7.65
N TYR A 484 10.40 -4.90 8.92
CA TYR A 484 10.34 -5.90 9.99
C TYR A 484 8.99 -6.61 10.04
N SER A 485 9.04 -7.93 9.93
CA SER A 485 7.84 -8.75 9.97
C SER A 485 8.05 -9.87 10.98
N VAL A 486 7.34 -9.80 12.10
CA VAL A 486 7.44 -10.82 13.13
C VAL A 486 6.89 -12.13 12.56
N SER A 487 5.81 -12.03 11.79
CA SER A 487 5.17 -13.21 11.19
C SER A 487 6.10 -14.00 10.27
N ARG A 488 6.87 -13.31 9.45
CA ARG A 488 7.80 -13.99 8.55
C ARG A 488 9.00 -14.60 9.29
N LEU A 489 9.44 -13.94 10.35
CA LEU A 489 10.58 -14.43 11.13
C LEU A 489 10.23 -15.72 11.88
N ILE A 490 8.95 -15.88 12.21
CA ILE A 490 8.49 -17.09 12.89
C ILE A 490 8.55 -18.25 11.90
N PHE A 491 8.30 -17.96 10.63
CA PHE A 491 8.37 -18.97 9.57
C PHE A 491 9.83 -19.42 9.49
N VAL A 492 10.74 -18.46 9.59
CA VAL A 492 12.16 -18.75 9.54
C VAL A 492 12.62 -19.58 10.77
N ARG A 493 12.40 -19.04 11.96
CA ARG A 493 12.81 -19.70 13.20
C ARG A 493 12.03 -20.95 13.61
N HIS A 494 10.71 -20.86 13.63
CA HIS A 494 9.89 -21.98 14.07
C HIS A 494 9.40 -22.96 13.02
N MET A 495 9.75 -22.70 11.77
CA MET A 495 9.34 -23.59 10.68
C MET A 495 10.54 -23.83 9.76
N GLY A 496 11.70 -23.37 10.19
CA GLY A 496 12.93 -23.54 9.43
C GLY A 496 12.95 -22.97 8.02
N GLY A 497 12.15 -21.93 7.80
CA GLY A 497 12.07 -21.34 6.48
C GLY A 497 13.12 -20.36 6.00
N VAL A 498 13.01 -20.04 4.71
CA VAL A 498 13.88 -19.11 4.03
C VAL A 498 12.95 -18.03 3.47
N LEU A 499 13.26 -16.78 3.76
CA LEU A 499 12.46 -15.66 3.30
C LEU A 499 13.10 -15.09 2.04
N ALA A 500 12.27 -14.61 1.11
CA ALA A 500 12.76 -14.04 -0.13
C ALA A 500 11.78 -13.00 -0.66
N VAL A 501 12.32 -11.90 -1.16
CA VAL A 501 11.50 -10.82 -1.72
C VAL A 501 12.14 -10.45 -3.05
N ALA A 502 11.41 -10.69 -4.13
CA ALA A 502 11.92 -10.36 -5.46
C ALA A 502 11.43 -8.97 -5.92
N ASN A 503 12.37 -8.07 -6.16
CA ASN A 503 12.07 -6.70 -6.60
C ASN A 503 11.84 -6.66 -8.11
N ILE A 504 10.79 -7.36 -8.55
CA ILE A 504 10.46 -7.46 -9.96
C ILE A 504 9.99 -6.15 -10.60
N ARG A 505 10.04 -6.09 -11.93
CA ARG A 505 9.63 -4.91 -12.68
C ARG A 505 8.17 -4.53 -12.44
N GLY A 506 7.88 -3.25 -12.61
CA GLY A 506 6.56 -2.72 -12.36
C GLY A 506 6.67 -1.86 -11.12
N GLY A 507 7.57 -2.25 -10.23
CA GLY A 507 7.80 -1.50 -9.01
C GLY A 507 8.61 -0.25 -9.31
N GLY A 508 8.94 0.53 -8.28
CA GLY A 508 9.69 1.74 -8.50
C GLY A 508 11.15 1.70 -8.09
N GLU A 509 11.65 0.49 -7.81
CA GLU A 509 13.03 0.30 -7.36
C GLU A 509 14.07 1.00 -8.21
N TYR A 510 13.93 0.96 -9.54
CA TYR A 510 14.86 1.64 -10.42
C TYR A 510 14.19 2.73 -11.25
N GLY A 511 13.39 3.54 -10.58
CA GLY A 511 12.71 4.64 -11.23
C GLY A 511 11.54 4.30 -12.12
N GLU A 512 11.15 5.28 -12.93
CA GLU A 512 10.02 5.13 -13.83
C GLU A 512 10.30 4.10 -14.93
N THR A 513 11.55 3.86 -15.27
CA THR A 513 11.86 2.87 -16.31
C THR A 513 11.57 1.47 -15.77
N TRP A 514 11.77 1.28 -14.47
CA TRP A 514 11.50 0.01 -13.84
C TRP A 514 9.99 -0.20 -13.83
N HIS A 515 9.26 0.88 -13.53
CA HIS A 515 7.80 0.89 -13.49
C HIS A 515 7.25 0.53 -14.85
N LYS A 516 7.63 1.29 -15.87
CA LYS A 516 7.17 1.02 -17.24
C LYS A 516 7.59 -0.38 -17.70
N GLY A 517 8.63 -0.92 -17.07
CA GLY A 517 9.08 -2.26 -17.43
C GLY A 517 8.14 -3.36 -16.98
N GLY A 518 7.11 -3.02 -16.22
CA GLY A 518 6.17 -4.03 -15.78
C GLY A 518 4.71 -3.62 -15.93
N ILE A 519 4.42 -2.83 -16.97
CA ILE A 519 3.06 -2.37 -17.21
C ILE A 519 2.59 -2.58 -18.65
N LEU A 520 1.29 -2.44 -18.83
CA LEU A 520 0.65 -2.53 -20.14
C LEU A 520 1.07 -3.74 -20.97
N ALA A 521 1.64 -3.50 -22.15
CA ALA A 521 2.07 -4.57 -23.03
C ALA A 521 3.17 -5.43 -22.41
N ASN A 522 3.85 -4.90 -21.41
CA ASN A 522 4.95 -5.60 -20.77
C ASN A 522 4.65 -6.15 -19.37
N LYS A 523 3.36 -6.30 -19.04
CA LYS A 523 3.00 -6.82 -17.72
C LYS A 523 3.56 -8.22 -17.50
N GLN A 524 3.64 -9.00 -18.57
CA GLN A 524 4.18 -10.36 -18.50
C GLN A 524 5.59 -10.37 -17.92
N ASN A 525 6.31 -9.27 -18.08
CA ASN A 525 7.66 -9.13 -17.54
C ASN A 525 7.64 -9.42 -16.03
N CYS A 526 6.59 -8.96 -15.37
CA CYS A 526 6.43 -9.16 -13.93
C CYS A 526 6.42 -10.63 -13.56
N PHE A 527 5.53 -11.37 -14.24
CA PHE A 527 5.35 -12.81 -14.02
C PHE A 527 6.64 -13.55 -14.36
N ASP A 528 7.25 -13.21 -15.48
CA ASP A 528 8.51 -13.83 -15.90
C ASP A 528 9.60 -13.59 -14.84
N ASP A 529 9.72 -12.35 -14.37
CA ASP A 529 10.71 -12.01 -13.35
C ASP A 529 10.50 -12.85 -12.07
N PHE A 530 9.26 -12.93 -11.61
CA PHE A 530 8.95 -13.68 -10.38
C PHE A 530 9.19 -15.18 -10.54
N GLN A 531 8.82 -15.72 -11.69
CA GLN A 531 9.05 -17.15 -11.96
C GLN A 531 10.54 -17.44 -11.98
N CYS A 532 11.33 -16.53 -12.54
CA CYS A 532 12.77 -16.71 -12.58
C CYS A 532 13.35 -16.63 -11.17
N ALA A 533 12.72 -15.85 -10.31
CA ALA A 533 13.15 -15.73 -8.92
C ALA A 533 12.95 -17.08 -8.24
N ALA A 534 11.82 -17.72 -8.54
CA ALA A 534 11.54 -19.04 -7.98
C ALA A 534 12.59 -20.02 -8.48
N GLU A 535 12.86 -20.01 -9.78
CA GLU A 535 13.86 -20.92 -10.34
C GLU A 535 15.25 -20.67 -9.72
N TYR A 536 15.56 -19.43 -9.39
CA TYR A 536 16.84 -19.10 -8.78
C TYR A 536 16.97 -19.77 -7.41
N LEU A 537 15.96 -19.59 -6.57
CA LEU A 537 15.96 -20.20 -5.24
C LEU A 537 16.08 -21.73 -5.32
N ILE A 538 15.52 -22.31 -6.38
CA ILE A 538 15.57 -23.76 -6.57
C ILE A 538 16.93 -24.20 -7.11
N LYS A 539 17.41 -23.48 -8.12
CA LYS A 539 18.68 -23.77 -8.75
C LYS A 539 19.85 -23.63 -7.77
N GLU A 540 19.80 -22.60 -6.94
CA GLU A 540 20.85 -22.35 -5.95
C GLU A 540 20.74 -23.17 -4.67
N GLY A 541 19.74 -24.04 -4.60
CA GLY A 541 19.60 -24.90 -3.44
C GLY A 541 19.00 -24.33 -2.17
N TYR A 542 18.24 -23.25 -2.27
CA TYR A 542 17.60 -22.67 -1.10
C TYR A 542 16.34 -23.47 -0.78
N THR A 543 15.70 -24.01 -1.81
CA THR A 543 14.46 -24.75 -1.62
C THR A 543 14.20 -25.64 -2.84
N SER A 544 13.00 -26.23 -2.87
CA SER A 544 12.55 -27.08 -3.97
C SER A 544 11.11 -26.68 -4.25
N PRO A 545 10.61 -26.94 -5.48
CA PRO A 545 9.23 -26.58 -5.83
C PRO A 545 8.15 -27.07 -4.86
N LYS A 546 8.29 -28.29 -4.34
CA LYS A 546 7.30 -28.83 -3.41
C LYS A 546 7.38 -28.19 -2.02
N ARG A 547 8.43 -27.43 -1.77
CA ARG A 547 8.61 -26.76 -0.48
C ARG A 547 8.47 -25.25 -0.60
N LEU A 548 8.20 -24.78 -1.83
CA LEU A 548 8.09 -23.35 -2.09
C LEU A 548 6.69 -22.76 -2.00
N THR A 549 6.59 -21.65 -1.27
CA THR A 549 5.33 -20.93 -1.13
C THR A 549 5.52 -19.51 -1.66
N ILE A 550 4.56 -19.04 -2.45
CA ILE A 550 4.61 -17.68 -2.97
C ILE A 550 3.39 -16.95 -2.45
N ASN A 551 3.60 -15.68 -2.08
CA ASN A 551 2.57 -14.82 -1.52
C ASN A 551 2.66 -13.44 -2.16
N GLY A 552 1.49 -12.81 -2.29
CA GLY A 552 1.41 -11.48 -2.86
C GLY A 552 0.04 -10.94 -2.49
N GLY A 553 -0.06 -9.62 -2.38
CA GLY A 553 -1.33 -9.00 -2.03
C GLY A 553 -1.75 -7.95 -3.05
N SER A 554 -3.03 -7.90 -3.37
CA SER A 554 -3.59 -6.96 -4.33
C SER A 554 -2.97 -7.19 -5.71
N ASN A 555 -2.13 -6.26 -6.18
CA ASN A 555 -1.45 -6.42 -7.46
C ASN A 555 -0.52 -7.62 -7.34
N GLY A 556 -0.08 -7.90 -6.11
CA GLY A 556 0.80 -9.03 -5.88
C GLY A 556 -0.06 -10.29 -5.83
N GLY A 557 -1.35 -10.11 -5.58
CA GLY A 557 -2.28 -11.21 -5.53
C GLY A 557 -2.44 -11.71 -6.96
N LEU A 558 -2.52 -10.77 -7.89
CA LEU A 558 -2.62 -11.07 -9.31
C LEU A 558 -1.33 -11.78 -9.71
N LEU A 559 -0.21 -11.27 -9.22
CA LEU A 559 1.09 -11.85 -9.50
C LEU A 559 1.16 -13.36 -9.20
N VAL A 560 0.85 -13.72 -7.96
CA VAL A 560 0.91 -15.11 -7.53
C VAL A 560 -0.15 -16.01 -8.17
N ALA A 561 -1.34 -15.47 -8.41
CA ALA A 561 -2.40 -16.24 -9.05
C ALA A 561 -1.99 -16.54 -10.49
N THR A 562 -1.50 -15.54 -11.20
CA THR A 562 -1.07 -15.73 -12.58
C THR A 562 0.08 -16.76 -12.61
N CYS A 563 1.02 -16.65 -11.68
CA CYS A 563 2.14 -17.58 -11.67
C CYS A 563 1.69 -19.02 -11.40
N ALA A 564 0.56 -19.18 -10.72
CA ALA A 564 0.02 -20.51 -10.43
C ALA A 564 -0.51 -21.12 -11.72
N ASN A 565 -1.14 -20.30 -12.54
CA ASN A 565 -1.68 -20.73 -13.83
C ASN A 565 -0.58 -21.04 -14.83
N GLN A 566 0.43 -20.18 -14.89
CA GLN A 566 1.52 -20.35 -15.85
C GLN A 566 2.54 -21.43 -15.51
N ARG A 567 2.91 -21.52 -14.23
CA ARG A 567 3.88 -22.49 -13.80
C ARG A 567 3.44 -23.22 -12.52
N PRO A 568 2.40 -24.06 -12.62
CA PRO A 568 1.91 -24.80 -11.44
C PRO A 568 2.96 -25.77 -10.90
N ASP A 569 3.90 -26.16 -11.77
CA ASP A 569 4.96 -27.08 -11.39
C ASP A 569 6.08 -26.46 -10.57
N LEU A 570 6.10 -25.14 -10.50
CA LEU A 570 7.16 -24.44 -9.77
C LEU A 570 6.88 -24.19 -8.29
N PHE A 571 5.61 -24.25 -7.90
CA PHE A 571 5.24 -23.95 -6.53
C PHE A 571 4.48 -25.04 -5.80
N GLY A 572 4.71 -25.10 -4.49
CA GLY A 572 4.02 -26.08 -3.66
C GLY A 572 2.77 -25.47 -3.04
N CYS A 573 2.85 -24.17 -2.74
CA CYS A 573 1.74 -23.48 -2.12
C CYS A 573 1.70 -22.02 -2.59
N VAL A 574 0.49 -21.50 -2.81
CA VAL A 574 0.31 -20.12 -3.25
C VAL A 574 -0.74 -19.49 -2.34
N ILE A 575 -0.43 -18.32 -1.79
CA ILE A 575 -1.35 -17.59 -0.94
C ILE A 575 -1.58 -16.22 -1.57
N ALA A 576 -2.76 -16.03 -2.15
CA ALA A 576 -3.09 -14.79 -2.82
C ALA A 576 -4.05 -13.97 -1.97
N GLN A 577 -3.55 -12.84 -1.48
CA GLN A 577 -4.33 -11.94 -0.65
C GLN A 577 -4.96 -10.81 -1.47
N VAL A 578 -6.22 -10.52 -1.20
CA VAL A 578 -6.97 -9.44 -1.84
C VAL A 578 -6.51 -9.13 -3.28
N GLY A 579 -6.41 -10.17 -4.11
CA GLY A 579 -5.94 -9.98 -5.46
C GLY A 579 -6.92 -9.62 -6.57
N VAL A 580 -6.39 -8.98 -7.60
CA VAL A 580 -7.16 -8.58 -8.77
C VAL A 580 -7.10 -9.83 -9.65
N MET A 581 -8.25 -10.50 -9.81
CA MET A 581 -8.30 -11.73 -10.59
C MET A 581 -8.96 -11.63 -11.94
N ASP A 582 -9.99 -10.80 -12.03
CA ASP A 582 -10.70 -10.59 -13.29
C ASP A 582 -10.11 -9.36 -13.95
N MET A 583 -9.13 -9.57 -14.82
CA MET A 583 -8.47 -8.47 -15.52
C MET A 583 -9.31 -7.82 -16.62
N LEU A 584 -10.42 -8.46 -16.98
CA LEU A 584 -11.31 -7.93 -18.00
C LEU A 584 -12.37 -7.00 -17.41
N LYS A 585 -12.61 -7.12 -16.12
CA LYS A 585 -13.65 -6.32 -15.49
C LYS A 585 -13.20 -5.45 -14.33
N PHE A 586 -11.93 -5.54 -13.94
CA PHE A 586 -11.43 -4.78 -12.79
C PHE A 586 -11.78 -3.28 -12.79
N HIS A 587 -11.81 -2.68 -13.98
CA HIS A 587 -12.08 -1.25 -14.13
C HIS A 587 -13.50 -0.80 -13.81
N LYS A 588 -14.43 -1.75 -13.80
CA LYS A 588 -15.85 -1.45 -13.54
C LYS A 588 -16.23 -1.10 -12.11
N TYR A 589 -15.47 -1.61 -11.14
CA TYR A 589 -15.79 -1.40 -9.73
C TYR A 589 -14.96 -0.39 -8.98
N THR A 590 -15.60 0.18 -7.96
CA THR A 590 -15.02 1.18 -7.06
C THR A 590 -13.94 2.09 -7.67
N ILE A 591 -12.68 1.91 -7.27
CA ILE A 591 -11.59 2.74 -7.79
C ILE A 591 -10.79 2.04 -8.88
N GLY A 592 -11.27 0.87 -9.30
CA GLY A 592 -10.60 0.08 -10.32
C GLY A 592 -10.20 0.81 -11.59
N HIS A 593 -10.96 1.82 -11.98
CA HIS A 593 -10.66 2.58 -13.17
C HIS A 593 -9.28 3.23 -13.15
N ALA A 594 -8.80 3.54 -11.95
CA ALA A 594 -7.49 4.19 -11.79
C ALA A 594 -6.30 3.28 -12.08
N TRP A 595 -6.53 1.97 -12.10
CA TRP A 595 -5.43 1.04 -12.35
C TRP A 595 -5.12 0.76 -13.81
N THR A 596 -5.93 1.31 -14.72
CA THR A 596 -5.73 1.11 -16.15
C THR A 596 -4.40 1.65 -16.66
N THR A 597 -3.80 2.57 -15.90
CA THR A 597 -2.52 3.15 -16.27
C THR A 597 -1.42 2.06 -16.18
N ASP A 598 -1.66 1.03 -15.38
CA ASP A 598 -0.71 -0.06 -15.24
C ASP A 598 -1.10 -1.27 -16.07
N TYR A 599 -2.40 -1.57 -16.11
CA TYR A 599 -2.91 -2.74 -16.81
C TYR A 599 -3.49 -2.50 -18.21
N GLY A 600 -4.06 -1.33 -18.43
CA GLY A 600 -4.72 -1.04 -19.68
C GLY A 600 -6.18 -1.32 -19.39
N CYS A 601 -7.05 -1.31 -20.41
CA CYS A 601 -8.47 -1.57 -20.22
C CYS A 601 -8.99 -2.48 -21.35
N SER A 602 -9.79 -3.48 -20.99
CA SER A 602 -10.34 -4.42 -21.95
C SER A 602 -11.24 -3.75 -23.00
N ASP A 603 -11.65 -2.52 -22.73
CA ASP A 603 -12.48 -1.77 -23.66
C ASP A 603 -11.72 -1.58 -24.96
N SER A 604 -10.39 -1.52 -24.84
CA SER A 604 -9.52 -1.37 -26.00
C SER A 604 -9.19 -2.77 -26.54
N LYS A 605 -9.24 -2.93 -27.85
CA LYS A 605 -8.92 -4.22 -28.45
C LYS A 605 -7.47 -4.60 -28.21
N GLN A 606 -6.57 -3.63 -28.35
CA GLN A 606 -5.15 -3.87 -28.13
C GLN A 606 -4.89 -4.30 -26.69
N HIS A 607 -5.50 -3.62 -25.73
CA HIS A 607 -5.33 -3.95 -24.31
C HIS A 607 -5.92 -5.30 -23.96
N PHE A 608 -7.08 -5.61 -24.53
CA PHE A 608 -7.72 -6.89 -24.26
C PHE A 608 -6.76 -8.04 -24.63
N GLU A 609 -6.03 -7.87 -25.73
CA GLU A 609 -5.08 -8.89 -26.18
C GLU A 609 -3.96 -9.15 -25.18
N TRP A 610 -3.53 -8.11 -24.47
CA TRP A 610 -2.49 -8.29 -23.46
C TRP A 610 -3.15 -9.01 -22.30
N LEU A 611 -4.22 -8.40 -21.81
CA LEU A 611 -4.97 -8.87 -20.65
C LEU A 611 -5.46 -10.32 -20.66
N ILE A 612 -5.99 -10.78 -21.79
CA ILE A 612 -6.56 -12.13 -21.89
C ILE A 612 -5.51 -13.23 -21.72
N LYS A 613 -4.27 -12.90 -22.03
CA LYS A 613 -3.18 -13.86 -21.91
C LYS A 613 -2.74 -14.16 -20.49
N TYR A 614 -3.03 -13.25 -19.56
CA TYR A 614 -2.60 -13.47 -18.19
C TYR A 614 -3.67 -13.38 -17.10
N SER A 615 -4.84 -12.83 -17.43
CA SER A 615 -5.92 -12.72 -16.46
C SER A 615 -6.12 -14.06 -15.76
N PRO A 616 -5.85 -14.10 -14.43
CA PRO A 616 -6.00 -15.33 -13.65
C PRO A 616 -7.34 -16.02 -13.89
N LEU A 617 -8.42 -15.26 -13.82
CA LEU A 617 -9.76 -15.81 -13.99
C LEU A 617 -9.96 -16.51 -15.34
N HIS A 618 -9.24 -16.04 -16.36
CA HIS A 618 -9.39 -16.60 -17.69
C HIS A 618 -8.30 -17.55 -18.14
N ASN A 619 -7.44 -17.95 -17.22
CA ASN A 619 -6.38 -18.85 -17.60
C ASN A 619 -6.24 -20.09 -16.72
N VAL A 620 -7.32 -20.46 -16.03
CA VAL A 620 -7.26 -21.66 -15.20
C VAL A 620 -7.33 -22.82 -16.19
N LYS A 621 -6.37 -23.73 -16.11
CA LYS A 621 -6.34 -24.86 -17.03
C LYS A 621 -5.59 -26.03 -16.42
N LEU A 622 -6.15 -27.21 -16.58
CA LEU A 622 -5.52 -28.42 -16.06
C LEU A 622 -4.17 -28.57 -16.73
N PRO A 623 -3.10 -28.75 -15.93
CA PRO A 623 -1.77 -28.91 -16.52
C PRO A 623 -1.80 -30.12 -17.45
N GLU A 624 -1.08 -30.03 -18.55
CA GLU A 624 -1.03 -31.11 -19.54
C GLU A 624 -0.41 -32.41 -19.04
N ALA A 625 0.73 -32.31 -18.35
CA ALA A 625 1.41 -33.49 -17.83
C ALA A 625 0.62 -34.21 -16.73
N ASP A 626 0.57 -35.53 -16.82
CA ASP A 626 -0.15 -36.33 -15.83
C ASP A 626 0.40 -36.18 -14.42
N ASP A 627 1.71 -35.98 -14.32
CA ASP A 627 2.36 -35.82 -13.02
C ASP A 627 2.36 -34.39 -12.49
N ILE A 628 1.50 -33.54 -13.06
CA ILE A 628 1.44 -32.14 -12.64
C ILE A 628 0.02 -31.70 -12.29
N GLN A 629 -0.13 -31.13 -11.12
CA GLN A 629 -1.42 -30.62 -10.64
C GLN A 629 -1.17 -29.19 -10.16
N TYR A 630 -2.24 -28.47 -9.85
CA TYR A 630 -2.09 -27.11 -9.35
C TYR A 630 -1.60 -27.18 -7.90
N PRO A 631 -0.80 -26.20 -7.46
CA PRO A 631 -0.31 -26.21 -6.08
C PRO A 631 -1.47 -25.92 -5.16
N SER A 632 -1.28 -26.12 -3.86
CA SER A 632 -2.33 -25.84 -2.89
C SER A 632 -2.50 -24.33 -2.92
N MET A 633 -3.74 -23.86 -2.88
CA MET A 633 -3.99 -22.43 -2.95
C MET A 633 -4.95 -21.89 -1.91
N LEU A 634 -4.60 -20.72 -1.36
CA LEU A 634 -5.46 -20.07 -0.38
C LEU A 634 -5.65 -18.62 -0.79
N LEU A 635 -6.90 -18.24 -1.01
CA LEU A 635 -7.22 -16.87 -1.39
C LEU A 635 -7.84 -16.23 -0.15
N LEU A 636 -7.26 -15.12 0.29
CA LEU A 636 -7.76 -14.40 1.44
C LEU A 636 -8.36 -13.09 0.98
N THR A 637 -9.56 -12.77 1.47
CA THR A 637 -10.22 -11.53 1.11
C THR A 637 -11.16 -11.15 2.25
N ALA A 638 -11.91 -10.07 2.07
CA ALA A 638 -12.86 -9.63 3.09
C ALA A 638 -14.05 -8.93 2.45
N ASP A 639 -15.18 -8.96 3.16
CA ASP A 639 -16.43 -8.38 2.67
C ASP A 639 -16.50 -6.86 2.58
N HIS A 640 -15.54 -6.16 3.19
CA HIS A 640 -15.51 -4.70 3.10
C HIS A 640 -14.30 -4.22 2.31
N ASP A 641 -13.76 -5.10 1.48
CA ASP A 641 -12.61 -4.70 0.66
C ASP A 641 -13.16 -4.00 -0.56
N ASP A 642 -13.35 -2.69 -0.44
CA ASP A 642 -13.84 -1.90 -1.54
C ASP A 642 -12.69 -1.37 -2.40
N ARG A 643 -11.46 -1.73 -2.05
CA ARG A 643 -10.32 -1.32 -2.88
C ARG A 643 -10.32 -2.32 -4.03
N VAL A 644 -10.22 -3.61 -3.69
CA VAL A 644 -10.26 -4.69 -4.67
C VAL A 644 -11.48 -5.52 -4.27
N VAL A 645 -12.63 -5.22 -4.88
CA VAL A 645 -13.87 -5.91 -4.54
C VAL A 645 -13.72 -7.43 -4.50
N PRO A 646 -14.18 -8.07 -3.39
CA PRO A 646 -14.10 -9.51 -3.18
C PRO A 646 -14.57 -10.43 -4.31
N LEU A 647 -15.41 -9.92 -5.21
CA LEU A 647 -15.90 -10.71 -6.33
C LEU A 647 -14.77 -11.31 -7.16
N HIS A 648 -13.61 -10.64 -7.16
CA HIS A 648 -12.45 -11.12 -7.91
C HIS A 648 -12.04 -12.51 -7.41
N SER A 649 -11.95 -12.65 -6.10
CA SER A 649 -11.55 -13.91 -5.49
C SER A 649 -12.67 -14.92 -5.49
N LEU A 650 -13.91 -14.45 -5.43
CA LEU A 650 -15.06 -15.36 -5.42
C LEU A 650 -15.16 -16.06 -6.76
N LYS A 651 -15.12 -15.29 -7.85
CA LYS A 651 -15.18 -15.86 -9.18
C LYS A 651 -13.95 -16.72 -9.46
N PHE A 652 -12.81 -16.28 -8.96
CA PHE A 652 -11.58 -17.03 -9.18
C PHE A 652 -11.62 -18.40 -8.51
N ILE A 653 -11.92 -18.44 -7.21
CA ILE A 653 -11.97 -19.72 -6.48
C ILE A 653 -13.03 -20.66 -7.05
N ALA A 654 -14.14 -20.11 -7.50
CA ALA A 654 -15.21 -20.93 -8.09
C ALA A 654 -14.68 -21.60 -9.36
N THR A 655 -13.87 -20.86 -10.12
CA THR A 655 -13.28 -21.36 -11.36
C THR A 655 -12.22 -22.45 -11.08
N LEU A 656 -11.37 -22.18 -10.08
CA LEU A 656 -10.33 -23.12 -9.68
C LEU A 656 -10.92 -24.44 -9.23
N GLN A 657 -11.92 -24.36 -8.35
CA GLN A 657 -12.59 -25.54 -7.84
C GLN A 657 -13.27 -26.37 -8.92
N TYR A 658 -13.93 -25.70 -9.87
CA TYR A 658 -14.62 -26.42 -10.93
C TYR A 658 -13.71 -27.02 -12.00
N ILE A 659 -12.82 -26.19 -12.55
CA ILE A 659 -11.91 -26.61 -13.61
C ILE A 659 -10.81 -27.57 -13.17
N VAL A 660 -10.19 -27.26 -12.03
CA VAL A 660 -9.08 -28.04 -11.50
C VAL A 660 -9.47 -28.95 -10.33
N GLY A 661 -10.19 -28.40 -9.36
CA GLY A 661 -10.60 -29.20 -8.21
C GLY A 661 -11.29 -30.51 -8.56
N ARG A 662 -12.14 -30.50 -9.58
CA ARG A 662 -12.85 -31.73 -9.98
C ARG A 662 -11.98 -32.84 -10.58
N SER A 663 -10.80 -32.51 -11.07
CA SER A 663 -9.94 -33.54 -11.65
C SER A 663 -9.37 -34.50 -10.60
N ARG A 664 -9.21 -35.77 -10.97
CA ARG A 664 -8.68 -36.80 -10.07
C ARG A 664 -7.29 -36.48 -9.56
N LYS A 665 -6.43 -36.01 -10.46
CA LYS A 665 -5.06 -35.72 -10.08
C LYS A 665 -4.89 -34.54 -9.12
N GLN A 666 -5.97 -33.79 -8.89
CA GLN A 666 -5.89 -32.67 -7.98
C GLN A 666 -6.16 -33.08 -6.53
N ASN A 667 -5.08 -33.21 -5.77
CA ASN A 667 -5.14 -33.58 -4.35
C ASN A 667 -4.90 -32.37 -3.46
N ASN A 668 -4.20 -31.37 -4.01
CA ASN A 668 -3.92 -30.15 -3.26
C ASN A 668 -5.20 -29.31 -3.15
N PRO A 669 -5.49 -28.75 -1.97
CA PRO A 669 -6.68 -27.93 -1.75
C PRO A 669 -6.63 -26.56 -2.43
N LEU A 670 -7.81 -26.06 -2.76
CA LEU A 670 -7.96 -24.75 -3.40
C LEU A 670 -9.10 -24.15 -2.59
N LEU A 671 -8.75 -23.26 -1.66
CA LEU A 671 -9.72 -22.66 -0.76
C LEU A 671 -9.73 -21.15 -0.73
N ILE A 672 -10.77 -20.61 -0.12
CA ILE A 672 -10.91 -19.17 0.02
C ILE A 672 -11.43 -18.87 1.42
N HIS A 673 -10.95 -17.79 2.01
CA HIS A 673 -11.42 -17.40 3.32
C HIS A 673 -11.81 -15.94 3.21
N VAL A 674 -13.09 -15.67 3.44
CA VAL A 674 -13.63 -14.33 3.37
C VAL A 674 -13.87 -13.83 4.79
N ASP A 675 -13.12 -12.83 5.22
CA ASP A 675 -13.27 -12.29 6.57
C ASP A 675 -14.41 -11.26 6.66
N THR A 676 -14.92 -11.08 7.87
CA THR A 676 -15.99 -10.13 8.13
C THR A 676 -15.41 -8.86 8.79
N LYS A 677 -16.09 -7.72 8.61
CA LYS A 677 -15.65 -6.45 9.19
C LYS A 677 -14.17 -6.15 8.96
N ALA A 678 -13.72 -6.39 7.72
CA ALA A 678 -12.34 -6.16 7.31
C ALA A 678 -12.37 -5.76 5.84
N GLY A 679 -11.35 -5.04 5.40
CA GLY A 679 -11.26 -4.59 4.03
C GLY A 679 -9.95 -4.96 3.34
N HIS A 680 -9.39 -4.03 2.58
CA HIS A 680 -8.16 -4.28 1.85
C HIS A 680 -6.95 -4.62 2.71
N GLY A 681 -6.88 -4.03 3.92
CA GLY A 681 -5.77 -4.30 4.80
C GLY A 681 -5.45 -3.17 5.76
N ALA A 682 -5.44 -1.94 5.24
CA ALA A 682 -5.14 -0.77 6.04
C ALA A 682 -6.09 -0.62 7.23
N GLY A 683 -5.52 -0.30 8.39
CA GLY A 683 -6.34 -0.12 9.58
C GLY A 683 -6.86 -1.40 10.23
N LYS A 684 -6.46 -2.55 9.71
CA LYS A 684 -6.92 -3.82 10.29
C LYS A 684 -6.42 -3.93 11.72
N PRO A 685 -7.29 -4.27 12.68
CA PRO A 685 -6.90 -4.40 14.08
C PRO A 685 -5.90 -5.52 14.31
N THR A 686 -5.05 -5.34 15.32
CA THR A 686 -4.03 -6.31 15.69
C THR A 686 -4.59 -7.72 15.84
N ALA A 687 -5.78 -7.83 16.40
CA ALA A 687 -6.42 -9.13 16.60
C ALA A 687 -6.61 -9.86 15.26
N LYS A 688 -7.19 -9.17 14.29
CA LYS A 688 -7.40 -9.76 12.97
C LYS A 688 -6.08 -10.05 12.25
N VAL A 689 -5.09 -9.18 12.43
CA VAL A 689 -3.78 -9.40 11.79
C VAL A 689 -3.21 -10.73 12.28
N ILE A 690 -3.25 -10.96 13.58
CA ILE A 690 -2.72 -12.19 14.15
C ILE A 690 -3.49 -13.40 13.63
N GLU A 691 -4.81 -13.28 13.51
CA GLU A 691 -5.62 -14.40 13.01
C GLU A 691 -5.24 -14.70 11.55
N GLU A 692 -4.99 -13.65 10.79
CA GLU A 692 -4.63 -13.80 9.37
C GLU A 692 -3.31 -14.51 9.13
N VAL A 693 -2.26 -14.07 9.83
CA VAL A 693 -0.96 -14.69 9.64
C VAL A 693 -0.96 -16.13 10.18
N SER A 694 -1.81 -16.41 11.17
CA SER A 694 -1.89 -17.75 11.71
C SER A 694 -2.50 -18.68 10.66
N ASP A 695 -3.53 -18.18 9.96
CA ASP A 695 -4.19 -18.96 8.91
C ASP A 695 -3.21 -19.25 7.79
N MET A 696 -2.46 -18.22 7.38
CA MET A 696 -1.49 -18.35 6.31
C MET A 696 -0.43 -19.43 6.54
N PHE A 697 0.30 -19.30 7.64
CA PHE A 697 1.36 -20.24 7.95
C PHE A 697 0.88 -21.62 8.38
N ALA A 698 -0.37 -21.72 8.80
CA ALA A 698 -0.94 -23.00 9.18
C ALA A 698 -1.29 -23.71 7.87
N PHE A 699 -1.78 -22.96 6.89
CA PHE A 699 -2.14 -23.52 5.60
C PHE A 699 -0.86 -24.09 4.99
N ILE A 700 0.21 -23.30 5.02
CA ILE A 700 1.51 -23.72 4.50
C ILE A 700 2.01 -24.96 5.24
N ALA A 701 1.99 -24.89 6.57
CA ALA A 701 2.45 -25.98 7.43
C ALA A 701 1.70 -27.28 7.11
N ARG A 702 0.39 -27.19 7.02
CA ARG A 702 -0.39 -28.39 6.73
C ARG A 702 -0.15 -28.93 5.32
N CYS A 703 -0.13 -28.05 4.31
CA CYS A 703 0.07 -28.50 2.94
C CYS A 703 1.45 -29.10 2.63
N LEU A 704 2.51 -28.53 3.18
CA LEU A 704 3.85 -29.04 2.92
C LEU A 704 4.30 -29.97 4.04
N ASN A 705 3.39 -30.23 4.98
CA ASN A 705 3.66 -31.11 6.12
C ASN A 705 4.95 -30.69 6.81
N ILE A 706 4.94 -29.46 7.33
CA ILE A 706 6.11 -28.93 8.02
C ILE A 706 6.02 -29.11 9.53
N ASP A 707 7.10 -29.59 10.13
CA ASP A 707 7.15 -29.78 11.57
C ASP A 707 7.45 -28.44 12.21
N TRP A 708 6.78 -28.16 13.32
CA TRP A 708 7.02 -26.94 14.06
C TRP A 708 8.31 -27.17 14.85
N ILE A 709 9.17 -26.17 14.88
CA ILE A 709 10.43 -26.27 15.61
C ILE A 709 10.31 -25.33 16.81
N PRO A 710 10.22 -25.89 18.03
CA PRO A 710 10.10 -25.17 19.31
C PRO A 710 11.16 -24.11 19.53
C20 ZPR B . -6.31 5.89 -7.01
C21 ZPR B . -6.08 7.04 -7.74
C22 ZPR B . -5.85 8.24 -7.08
C23 ZPR B . -5.85 8.27 -5.68
C24 ZPR B . -6.08 7.11 -4.96
C19 ZPR B . -6.32 5.90 -5.62
C18 ZPR B . -6.55 4.65 -4.84
O17 ZPR B . -5.32 3.98 -4.66
C15 ZPR B . -5.15 2.91 -5.42
O16 ZPR B . -6.01 2.51 -6.21
N14 ZPR B . -3.98 2.27 -5.28
C10 ZPR B . -3.62 1.09 -6.05
C8 ZPR B . -4.19 -0.19 -5.44
O9 ZPR B . -4.61 -0.19 -4.27
C11 ZPR B . -2.10 1.10 -5.96
C12 ZPR B . -1.87 1.56 -4.57
C13 ZPR B . -2.87 2.70 -4.41
C4 ZPR B . -5.08 -3.29 -7.07
C5 ZPR B . -4.12 -2.74 -8.04
C1 ZPR B . -3.68 -3.34 -4.92
O2 ZPR B . -2.48 -3.49 -5.68
N7 ZPR B . -4.23 -1.28 -6.22
C6 ZPR B . -3.87 -1.31 -7.64
C3 ZPR B . -4.74 -2.56 -5.76
#